data_1P33
#
_entry.id   1P33
#
_cell.length_a   91.301
_cell.length_b   96.103
_cell.length_c   195.545
_cell.angle_alpha   90.00
_cell.angle_beta   90.00
_cell.angle_gamma   90.00
#
_symmetry.space_group_name_H-M   'P 21 21 21'
#
loop_
_entity.id
_entity.type
_entity.pdbx_description
1 polymer 'Pteridine reductase 1'
2 non-polymer 'NADPH DIHYDRO-NICOTINAMIDE-ADENINE-DINUCLEOTIDE PHOSPHATE'
3 non-polymer METHOTREXATE
4 water water
#
_entity_poly.entity_id   1
_entity_poly.type   'polypeptide(L)'
_entity_poly.pdbx_seq_one_letter_code
;MTTSPTAPVALVTGAAKRLGSSIAEALHAEGYTVCLHYHRSAADASTLAATLNARRPNSAITVQADLSNVATASFSETDG
SVPVTLFSRCSALVDACYMHWGRCDVLVNNASSFYPTPLLRKDAGEGGSSVGDKESLEVAAADLFGSNAIAPYFLIKAFA
QRVADTRAEQRGTSYSIVNMVDAMTSQPLLGYTMYTMAKEALEGLTRSAALELASLQIRVNGVSPGLSVLPDDMPFSVQE
DYRRKVPLYQRNSSAEEVSDVVIFLCSPKAKYITGTCIKVDGGYSLTRA
;
_entity_poly.pdbx_strand_id   A,B,C,D
#
# COMPACT_ATOMS: atom_id res chain seq x y z
N THR A 6 -0.31 -23.58 -34.58
CA THR A 6 0.85 -22.65 -34.55
C THR A 6 1.28 -22.36 -33.11
N ALA A 7 2.57 -22.10 -32.92
CA ALA A 7 3.13 -21.86 -31.60
C ALA A 7 3.14 -20.42 -31.13
N PRO A 8 2.91 -20.21 -29.81
CA PRO A 8 2.88 -18.89 -29.15
C PRO A 8 4.14 -18.06 -29.33
N VAL A 9 3.96 -16.74 -29.44
CA VAL A 9 5.07 -15.81 -29.60
C VAL A 9 5.17 -14.93 -28.34
N ALA A 10 6.40 -14.63 -27.95
CA ALA A 10 6.67 -13.80 -26.79
C ALA A 10 7.73 -12.78 -27.17
N LEU A 11 7.42 -11.51 -26.97
CA LEU A 11 8.35 -10.43 -27.25
C LEU A 11 8.94 -10.04 -25.90
N VAL A 12 10.27 -10.16 -25.76
CA VAL A 12 10.96 -9.81 -24.52
C VAL A 12 11.97 -8.70 -24.76
N THR A 13 11.69 -7.50 -24.26
CA THR A 13 12.60 -6.37 -24.45
C THR A 13 13.82 -6.53 -23.56
N GLY A 14 14.98 -6.17 -24.10
CA GLY A 14 16.23 -6.29 -23.34
C GLY A 14 16.54 -7.74 -23.00
N ALA A 15 16.13 -8.66 -23.86
CA ALA A 15 16.34 -10.09 -23.64
C ALA A 15 17.75 -10.56 -23.98
N ALA A 16 18.62 -9.61 -24.28
CA ALA A 16 20.00 -9.91 -24.65
C ALA A 16 20.74 -10.69 -23.58
N LYS A 17 20.60 -10.28 -22.33
CA LYS A 17 21.34 -10.97 -21.26
C LYS A 17 20.66 -10.96 -19.91
N ARG A 18 21.43 -11.33 -18.90
CA ARG A 18 20.98 -11.34 -17.52
C ARG A 18 19.62 -11.96 -17.20
N LEU A 19 18.60 -11.13 -17.00
CA LEU A 19 17.27 -11.63 -16.68
C LEU A 19 16.40 -11.81 -17.91
N GLY A 20 16.46 -10.86 -18.83
CA GLY A 20 15.67 -10.96 -20.04
C GLY A 20 16.06 -12.24 -20.75
N SER A 21 17.36 -12.51 -20.76
CA SER A 21 17.91 -13.69 -21.39
C SER A 21 17.35 -14.95 -20.70
N SER A 22 17.25 -14.87 -19.38
CA SER A 22 16.73 -15.98 -18.60
C SER A 22 15.23 -16.15 -18.85
N ILE A 23 14.50 -15.04 -18.95
CA ILE A 23 13.06 -15.08 -19.19
C ILE A 23 12.77 -15.57 -20.60
N ALA A 24 13.48 -15.00 -21.58
CA ALA A 24 13.30 -15.38 -22.97
C ALA A 24 13.53 -16.89 -23.14
N GLU A 25 14.66 -17.37 -22.62
CA GLU A 25 14.97 -18.77 -22.72
C GLU A 25 13.93 -19.66 -22.06
N ALA A 26 13.37 -19.18 -20.93
CA ALA A 26 12.35 -19.93 -20.20
C ALA A 26 11.04 -20.03 -20.97
N LEU A 27 10.62 -18.94 -21.58
CA LEU A 27 9.38 -18.94 -22.35
C LEU A 27 9.60 -19.91 -23.51
N HIS A 28 10.77 -19.80 -24.15
CA HIS A 28 11.11 -20.64 -25.28
C HIS A 28 10.97 -22.10 -24.88
N ALA A 29 11.39 -22.43 -23.67
CA ALA A 29 11.30 -23.80 -23.18
C ALA A 29 9.85 -24.24 -23.04
N GLU A 30 8.97 -23.33 -22.65
CA GLU A 30 7.55 -23.69 -22.52
C GLU A 30 6.92 -23.89 -23.89
N GLY A 31 7.68 -23.68 -24.95
CA GLY A 31 7.13 -23.86 -26.27
C GLY A 31 6.91 -22.56 -27.00
N TYR A 32 7.12 -21.44 -26.31
CA TYR A 32 6.96 -20.13 -26.94
C TYR A 32 8.06 -19.90 -27.99
N THR A 33 7.72 -19.19 -29.05
CA THR A 33 8.67 -18.83 -30.08
C THR A 33 9.01 -17.41 -29.58
N VAL A 34 10.28 -17.04 -29.47
CA VAL A 34 10.58 -15.73 -28.90
C VAL A 34 11.34 -14.68 -29.72
N CYS A 35 10.86 -13.44 -29.62
CA CYS A 35 11.45 -12.30 -30.32
C CYS A 35 12.33 -11.56 -29.32
N LEU A 36 13.64 -11.67 -29.50
CA LEU A 36 14.60 -11.08 -28.59
C LEU A 36 15.06 -9.67 -28.92
N HIS A 37 14.42 -8.66 -28.33
CA HIS A 37 14.82 -7.29 -28.57
C HIS A 37 16.04 -6.96 -27.74
N TYR A 38 16.83 -6.01 -28.22
CA TYR A 38 18.03 -5.57 -27.53
C TYR A 38 18.35 -4.16 -28.01
N HIS A 39 19.25 -3.49 -27.30
CA HIS A 39 19.62 -2.12 -27.65
C HIS A 39 21.04 -2.02 -28.17
N ARG A 40 22.00 -2.29 -27.30
CA ARG A 40 23.42 -2.25 -27.65
C ARG A 40 24.00 -3.64 -27.77
N SER A 41 23.60 -4.54 -26.86
CA SER A 41 24.09 -5.91 -26.84
C SER A 41 23.78 -6.81 -28.03
N ALA A 42 24.25 -6.41 -29.21
CA ALA A 42 24.03 -7.19 -30.44
C ALA A 42 24.69 -8.57 -30.37
N ALA A 43 25.95 -8.61 -29.93
CA ALA A 43 26.63 -9.89 -29.84
C ALA A 43 25.84 -10.93 -29.04
N ASP A 44 25.52 -10.60 -27.78
CA ASP A 44 24.78 -11.53 -26.91
C ASP A 44 23.43 -11.98 -27.44
N ALA A 45 22.68 -11.05 -28.01
CA ALA A 45 21.36 -11.34 -28.56
C ALA A 45 21.44 -12.41 -29.65
N SER A 46 22.44 -12.28 -30.51
CA SER A 46 22.61 -13.23 -31.59
C SER A 46 23.01 -14.60 -31.08
N THR A 47 23.95 -14.61 -30.13
CA THR A 47 24.42 -15.86 -29.55
C THR A 47 23.26 -16.62 -28.96
N LEU A 48 22.32 -15.88 -28.39
CA LEU A 48 21.16 -16.51 -27.80
C LEU A 48 20.23 -17.06 -28.90
N ALA A 49 19.90 -16.20 -29.86
CA ALA A 49 19.05 -16.59 -30.96
C ALA A 49 19.67 -17.81 -31.64
N ALA A 50 20.99 -17.87 -31.65
CA ALA A 50 21.69 -18.99 -32.25
C ALA A 50 21.32 -20.26 -31.48
N THR A 51 21.55 -20.24 -30.17
CA THR A 51 21.26 -21.38 -29.30
C THR A 51 19.79 -21.80 -29.42
N LEU A 52 18.90 -20.83 -29.28
CA LEU A 52 17.49 -21.14 -29.36
C LEU A 52 17.12 -21.75 -30.72
N ASN A 53 17.55 -21.12 -31.81
CA ASN A 53 17.24 -21.66 -33.13
C ASN A 53 17.99 -22.97 -33.39
N ALA A 54 18.89 -23.34 -32.49
CA ALA A 54 19.64 -24.58 -32.63
C ALA A 54 18.86 -25.73 -31.98
N ARG A 55 18.01 -25.37 -31.03
CA ARG A 55 17.20 -26.37 -30.33
C ARG A 55 15.90 -26.59 -31.09
N ARG A 56 15.54 -25.58 -31.89
CA ARG A 56 14.33 -25.61 -32.68
C ARG A 56 14.42 -24.57 -33.79
N PRO A 57 14.30 -25.01 -35.05
CA PRO A 57 14.37 -24.05 -36.15
C PRO A 57 13.32 -22.97 -36.01
N ASN A 58 13.65 -21.78 -36.49
CA ASN A 58 12.77 -20.62 -36.45
C ASN A 58 11.98 -20.44 -35.16
N SER A 59 12.66 -20.60 -34.02
CA SER A 59 12.02 -20.44 -32.72
C SER A 59 12.42 -19.13 -32.06
N ALA A 60 13.23 -18.34 -32.75
CA ALA A 60 13.67 -17.06 -32.23
C ALA A 60 14.28 -16.11 -33.25
N ILE A 61 13.99 -14.82 -33.09
CA ILE A 61 14.52 -13.78 -33.95
C ILE A 61 14.97 -12.61 -33.06
N THR A 62 15.63 -11.64 -33.66
CA THR A 62 16.13 -10.50 -32.88
C THR A 62 15.72 -9.17 -33.48
N VAL A 63 15.65 -8.14 -32.63
CA VAL A 63 15.28 -6.80 -33.06
C VAL A 63 15.99 -5.79 -32.16
N GLN A 64 16.61 -4.79 -32.79
CA GLN A 64 17.36 -3.77 -32.08
C GLN A 64 16.55 -2.49 -32.01
N ALA A 65 16.50 -1.88 -30.83
CA ALA A 65 15.76 -0.63 -30.68
C ALA A 65 16.06 0.10 -29.39
N ASP A 66 16.35 1.39 -29.52
CA ASP A 66 16.64 2.26 -28.39
C ASP A 66 15.25 2.62 -27.90
N LEU A 67 14.95 2.28 -26.64
CA LEU A 67 13.64 2.57 -26.08
C LEU A 67 13.61 3.91 -25.34
N SER A 68 14.74 4.61 -25.37
CA SER A 68 14.84 5.92 -24.75
C SER A 68 13.87 6.82 -25.49
N ASN A 69 13.14 7.64 -24.75
CA ASN A 69 12.17 8.53 -25.37
C ASN A 69 12.80 9.65 -26.18
N VAL A 70 13.43 9.28 -27.29
CA VAL A 70 14.07 10.25 -28.18
C VAL A 70 13.73 9.90 -29.61
N ALA A 71 13.86 10.87 -30.52
CA ALA A 71 13.54 10.64 -31.92
C ALA A 71 14.75 10.07 -32.66
N THR A 72 14.52 9.07 -33.53
CA THR A 72 15.64 8.46 -34.28
C THR A 72 15.65 8.71 -35.80
N ALA A 73 16.83 8.49 -36.38
CA ALA A 73 17.21 8.64 -37.80
C ALA A 73 16.35 8.41 -39.07
N SER A 74 16.34 7.14 -39.51
CA SER A 74 15.69 6.64 -40.73
C SER A 74 16.57 6.86 -41.95
N SER A 81 13.81 8.74 -44.00
CA SER A 81 13.71 10.19 -43.93
C SER A 81 13.53 10.75 -42.52
N VAL A 82 12.35 11.29 -42.24
CA VAL A 82 12.04 11.91 -40.95
C VAL A 82 12.33 11.04 -39.73
N PRO A 83 12.67 11.70 -38.61
CA PRO A 83 12.95 10.96 -37.38
C PRO A 83 11.81 9.99 -37.03
N VAL A 84 12.19 8.88 -36.42
CA VAL A 84 11.28 7.83 -36.00
C VAL A 84 11.13 8.06 -34.51
N THR A 85 9.90 8.32 -34.09
CA THR A 85 9.57 8.55 -32.70
C THR A 85 9.71 7.25 -31.95
N LEU A 86 9.75 7.35 -30.63
CA LEU A 86 9.86 6.17 -29.79
C LEU A 86 8.63 5.31 -30.07
N PHE A 87 7.50 5.97 -30.29
CA PHE A 87 6.26 5.25 -30.57
C PHE A 87 6.45 4.34 -31.79
N SER A 88 6.91 4.93 -32.88
CA SER A 88 7.15 4.20 -34.13
C SER A 88 8.00 2.97 -33.87
N ARG A 89 9.18 3.17 -33.30
CA ARG A 89 10.05 2.04 -33.01
C ARG A 89 9.29 0.97 -32.24
N CYS A 90 8.55 1.39 -31.20
CA CYS A 90 7.78 0.48 -30.38
C CYS A 90 6.78 -0.32 -31.21
N SER A 91 5.83 0.38 -31.82
CA SER A 91 4.84 -0.27 -32.66
C SER A 91 5.50 -1.16 -33.70
N ALA A 92 6.63 -0.71 -34.23
CA ALA A 92 7.34 -1.49 -35.23
C ALA A 92 7.85 -2.79 -34.61
N LEU A 93 8.21 -2.73 -33.33
CA LEU A 93 8.70 -3.90 -32.62
C LEU A 93 7.62 -4.97 -32.56
N VAL A 94 6.39 -4.57 -32.26
CA VAL A 94 5.27 -5.49 -32.17
C VAL A 94 4.99 -6.09 -33.55
N ASP A 95 4.93 -5.21 -34.55
CA ASP A 95 4.67 -5.63 -35.92
C ASP A 95 5.68 -6.64 -36.43
N ALA A 96 6.86 -6.63 -35.84
CA ALA A 96 7.89 -7.58 -36.24
C ALA A 96 7.43 -8.98 -35.87
N CYS A 97 6.78 -9.11 -34.72
CA CYS A 97 6.31 -10.40 -34.30
C CYS A 97 5.20 -10.89 -35.22
N TYR A 98 4.31 -9.98 -35.60
CA TYR A 98 3.22 -10.35 -36.49
C TYR A 98 3.73 -10.60 -37.89
N MET A 99 4.66 -9.78 -38.36
CA MET A 99 5.21 -9.96 -39.70
C MET A 99 5.92 -11.30 -39.82
N HIS A 100 6.64 -11.70 -38.78
CA HIS A 100 7.38 -12.95 -38.85
C HIS A 100 6.61 -14.22 -38.51
N TRP A 101 5.91 -14.24 -37.38
CA TRP A 101 5.15 -15.42 -36.99
C TRP A 101 3.64 -15.21 -37.07
N GLY A 102 3.24 -14.00 -37.47
CA GLY A 102 1.83 -13.70 -37.60
C GLY A 102 1.05 -13.66 -36.31
N ARG A 103 1.73 -13.47 -35.18
CA ARG A 103 1.04 -13.43 -33.89
C ARG A 103 1.96 -13.02 -32.75
N CYS A 104 1.43 -12.26 -31.80
CA CYS A 104 2.18 -11.84 -30.63
C CYS A 104 1.31 -12.08 -29.40
N ASP A 105 1.66 -13.08 -28.60
CA ASP A 105 0.87 -13.45 -27.42
C ASP A 105 1.35 -12.92 -26.09
N VAL A 106 2.66 -12.94 -25.85
CA VAL A 106 3.22 -12.45 -24.60
C VAL A 106 4.16 -11.28 -24.84
N LEU A 107 4.05 -10.28 -23.98
CA LEU A 107 4.93 -9.12 -24.07
C LEU A 107 5.53 -8.97 -22.69
N VAL A 108 6.85 -8.93 -22.62
CA VAL A 108 7.51 -8.79 -21.34
C VAL A 108 8.39 -7.55 -21.38
N ASN A 109 8.00 -6.50 -20.64
CA ASN A 109 8.81 -5.27 -20.60
C ASN A 109 9.91 -5.49 -19.57
N ASN A 110 11.11 -5.78 -20.06
CA ASN A 110 12.25 -6.05 -19.21
C ASN A 110 13.30 -4.95 -19.34
N ALA A 111 13.55 -4.50 -20.57
CA ALA A 111 14.53 -3.45 -20.83
C ALA A 111 14.41 -2.34 -19.80
N SER A 112 15.53 -1.98 -19.18
CA SER A 112 15.53 -0.94 -18.16
C SER A 112 16.87 -0.27 -17.87
N SER A 113 16.94 1.05 -17.99
CA SER A 113 18.17 1.76 -17.67
C SER A 113 18.11 1.98 -16.16
N PHE A 114 19.26 1.85 -15.51
CA PHE A 114 19.33 1.96 -14.05
C PHE A 114 20.56 2.68 -13.55
N TYR A 115 20.42 3.94 -13.19
CA TYR A 115 21.55 4.69 -12.69
C TYR A 115 21.13 5.97 -12.00
N PRO A 116 21.98 6.48 -11.11
CA PRO A 116 21.78 7.71 -10.34
C PRO A 116 21.32 8.93 -11.13
N THR A 117 20.67 9.83 -10.42
CA THR A 117 20.16 11.11 -10.92
C THR A 117 19.93 11.87 -9.64
N PRO A 118 21.01 12.20 -8.94
CA PRO A 118 20.96 12.93 -7.68
C PRO A 118 20.33 14.29 -7.84
N LEU A 119 19.50 14.64 -6.86
CA LEU A 119 18.81 15.92 -6.87
C LEU A 119 19.81 17.03 -6.62
N LEU A 120 20.73 16.79 -5.70
CA LEU A 120 21.79 17.76 -5.39
C LEU A 120 23.02 17.42 -6.22
N ARG A 121 23.65 18.42 -6.83
CA ARG A 121 24.81 18.16 -7.69
C ARG A 121 26.06 17.52 -7.03
N ASP A 133 26.76 18.19 -16.78
CA ASP A 133 25.86 19.29 -16.60
C ASP A 133 24.47 18.97 -17.10
N LYS A 134 23.71 20.00 -17.34
CA LYS A 134 22.41 19.79 -17.88
C LYS A 134 22.55 19.53 -19.40
N GLU A 135 22.38 18.27 -19.75
CA GLU A 135 22.38 17.73 -21.11
C GLU A 135 22.30 16.39 -20.51
N SER A 136 23.19 16.16 -19.55
CA SER A 136 23.23 14.91 -18.83
C SER A 136 21.82 14.62 -18.30
N LEU A 137 21.16 15.63 -17.74
CA LEU A 137 19.81 15.43 -17.21
C LEU A 137 18.74 15.18 -18.26
N GLU A 138 18.62 16.08 -19.23
CA GLU A 138 17.61 15.94 -20.29
C GLU A 138 17.67 14.53 -20.87
N VAL A 139 18.89 13.98 -20.93
CA VAL A 139 19.15 12.65 -21.48
C VAL A 139 18.87 11.50 -20.52
N ALA A 140 19.11 11.69 -19.24
CA ALA A 140 18.86 10.64 -18.27
C ALA A 140 17.35 10.49 -18.16
N ALA A 141 16.64 11.61 -18.25
CA ALA A 141 15.21 11.61 -18.18
C ALA A 141 14.61 10.78 -19.32
N ALA A 142 15.01 11.10 -20.54
CA ALA A 142 14.49 10.39 -21.70
C ALA A 142 14.88 8.90 -21.65
N ASP A 143 16.09 8.63 -21.22
CA ASP A 143 16.58 7.27 -21.14
C ASP A 143 15.86 6.49 -20.02
N LEU A 144 15.91 7.00 -18.80
CA LEU A 144 15.29 6.31 -17.67
C LEU A 144 13.78 6.17 -17.76
N PHE A 145 13.08 7.23 -18.17
CA PHE A 145 11.62 7.15 -18.30
C PHE A 145 11.23 6.45 -19.57
N GLY A 146 12.11 6.48 -20.54
CA GLY A 146 11.82 5.85 -21.81
C GLY A 146 11.72 4.35 -21.67
N SER A 147 12.82 3.73 -21.25
CA SER A 147 12.87 2.29 -21.12
C SER A 147 11.94 1.67 -20.06
N ASN A 148 11.72 2.41 -18.97
CA ASN A 148 10.89 1.93 -17.85
C ASN A 148 9.40 2.22 -17.87
N ALA A 149 9.00 3.28 -18.56
CA ALA A 149 7.59 3.63 -18.57
C ALA A 149 7.03 3.96 -19.95
N ILE A 150 7.56 4.99 -20.60
CA ILE A 150 7.05 5.38 -21.91
C ILE A 150 7.08 4.26 -22.93
N ALA A 151 8.22 3.59 -23.10
CA ALA A 151 8.30 2.50 -24.05
C ALA A 151 7.25 1.43 -23.72
N PRO A 152 7.22 0.95 -22.45
CA PRO A 152 6.25 -0.06 -22.04
C PRO A 152 4.81 0.33 -22.37
N TYR A 153 4.49 1.61 -22.23
CA TYR A 153 3.16 2.11 -22.55
C TYR A 153 2.89 1.87 -24.03
N PHE A 154 3.65 2.56 -24.88
CA PHE A 154 3.51 2.42 -26.32
C PHE A 154 3.47 0.96 -26.75
N LEU A 155 4.37 0.15 -26.21
CA LEU A 155 4.42 -1.26 -26.55
C LEU A 155 3.09 -1.95 -26.24
N ILE A 156 2.61 -1.79 -25.00
CA ILE A 156 1.35 -2.41 -24.61
C ILE A 156 0.27 -1.95 -25.58
N LYS A 157 0.25 -0.65 -25.85
CA LYS A 157 -0.72 -0.05 -26.76
C LYS A 157 -0.72 -0.65 -28.17
N ALA A 158 0.46 -0.90 -28.71
CA ALA A 158 0.55 -1.46 -30.05
C ALA A 158 0.07 -2.88 -30.00
N PHE A 159 0.46 -3.57 -28.93
CA PHE A 159 0.13 -4.97 -28.68
C PHE A 159 -1.38 -5.15 -28.54
N ALA A 160 -2.02 -4.32 -27.73
CA ALA A 160 -3.46 -4.42 -27.55
C ALA A 160 -4.17 -4.15 -28.89
N GLN A 161 -3.71 -3.14 -29.62
CA GLN A 161 -4.29 -2.79 -30.92
C GLN A 161 -4.37 -4.00 -31.83
N ARG A 162 -3.30 -4.78 -31.86
CA ARG A 162 -3.28 -5.96 -32.71
C ARG A 162 -4.30 -7.00 -32.27
N VAL A 163 -4.38 -7.27 -30.96
CA VAL A 163 -5.35 -8.24 -30.49
C VAL A 163 -6.76 -7.77 -30.83
N ALA A 164 -6.97 -6.45 -30.76
CA ALA A 164 -8.28 -5.89 -31.08
C ALA A 164 -8.57 -6.07 -32.57
N ASP A 165 -7.62 -5.73 -33.42
CA ASP A 165 -7.80 -5.83 -34.86
C ASP A 165 -7.93 -7.21 -35.40
N THR A 166 -7.80 -8.18 -34.52
CA THR A 166 -7.92 -9.55 -34.94
C THR A 166 -9.39 -9.95 -34.77
N ARG A 167 -9.95 -10.58 -35.79
CA ARG A 167 -11.35 -11.02 -35.70
C ARG A 167 -11.51 -12.00 -34.54
N ALA A 168 -12.44 -11.68 -33.66
CA ALA A 168 -12.73 -12.49 -32.47
C ALA A 168 -12.37 -13.98 -32.62
N GLU A 169 -12.88 -14.59 -33.69
CA GLU A 169 -12.65 -16.00 -34.02
C GLU A 169 -11.16 -16.42 -34.00
N GLN A 170 -10.31 -15.58 -34.60
CA GLN A 170 -8.87 -15.88 -34.70
C GLN A 170 -7.93 -15.55 -33.53
N ARG A 171 -8.40 -14.82 -32.53
CA ARG A 171 -7.54 -14.45 -31.40
C ARG A 171 -6.91 -15.63 -30.65
N GLY A 172 -5.87 -15.35 -29.89
CA GLY A 172 -5.20 -16.37 -29.11
C GLY A 172 -5.99 -16.60 -27.83
N THR A 173 -5.75 -17.70 -27.15
CA THR A 173 -6.49 -18.00 -25.93
C THR A 173 -5.69 -17.68 -24.68
N SER A 174 -4.53 -17.04 -24.84
CA SER A 174 -3.73 -16.75 -23.65
C SER A 174 -2.84 -15.50 -23.72
N TYR A 175 -3.46 -14.33 -23.90
CA TYR A 175 -2.69 -13.08 -23.96
C TYR A 175 -2.26 -12.61 -22.57
N SER A 176 -0.95 -12.61 -22.33
CA SER A 176 -0.38 -12.20 -21.06
C SER A 176 0.77 -11.18 -21.21
N ILE A 177 0.70 -10.09 -20.46
CA ILE A 177 1.72 -9.05 -20.47
C ILE A 177 2.35 -9.01 -19.08
N VAL A 178 3.67 -8.95 -19.01
CA VAL A 178 4.35 -8.90 -17.74
C VAL A 178 5.35 -7.75 -17.68
N ASN A 179 5.17 -6.88 -16.69
CA ASN A 179 6.04 -5.73 -16.52
C ASN A 179 7.06 -5.97 -15.41
N MET A 180 8.34 -5.86 -15.74
CA MET A 180 9.40 -6.02 -14.75
C MET A 180 9.54 -4.71 -13.99
N VAL A 181 9.26 -4.76 -12.69
CA VAL A 181 9.34 -3.58 -11.85
C VAL A 181 10.35 -3.72 -10.72
N ASP A 182 10.03 -3.20 -9.54
CA ASP A 182 10.97 -3.23 -8.44
C ASP A 182 10.27 -3.34 -7.09
N ALA A 183 10.70 -4.28 -6.26
CA ALA A 183 10.09 -4.46 -4.96
C ALA A 183 10.56 -3.44 -3.93
N MET A 184 11.62 -2.69 -4.27
CA MET A 184 12.15 -1.69 -3.35
C MET A 184 11.80 -0.25 -3.71
N THR A 185 10.70 -0.02 -4.43
CA THR A 185 10.36 1.34 -4.81
C THR A 185 9.75 2.13 -3.64
N SER A 186 9.17 1.42 -2.67
CA SER A 186 8.59 2.08 -1.51
C SER A 186 9.65 2.63 -0.60
N GLN A 187 10.82 2.00 -0.65
CA GLN A 187 11.96 2.41 0.12
C GLN A 187 12.98 2.84 -0.93
N PRO A 188 12.80 4.04 -1.50
CA PRO A 188 13.69 4.56 -2.53
C PRO A 188 15.17 4.35 -2.28
N LEU A 189 15.85 3.89 -3.33
CA LEU A 189 17.29 3.69 -3.30
C LEU A 189 17.85 5.11 -3.46
N LEU A 190 18.40 5.63 -2.38
CA LEU A 190 18.95 6.97 -2.35
C LEU A 190 19.72 7.36 -3.60
N GLY A 191 19.26 8.43 -4.24
CA GLY A 191 19.91 8.94 -5.44
C GLY A 191 19.36 8.50 -6.77
N TYR A 192 18.34 7.64 -6.78
CA TYR A 192 17.76 7.15 -8.03
C TYR A 192 16.33 7.63 -8.29
N THR A 193 16.06 8.89 -7.99
CA THR A 193 14.73 9.44 -8.17
C THR A 193 14.07 9.16 -9.53
N MET A 194 14.70 9.56 -10.63
CA MET A 194 14.10 9.30 -11.93
C MET A 194 13.83 7.81 -12.13
N TYR A 195 14.76 6.98 -11.73
CA TYR A 195 14.56 5.55 -11.86
C TYR A 195 13.33 5.13 -11.07
N THR A 196 13.29 5.53 -9.80
CA THR A 196 12.17 5.19 -8.95
C THR A 196 10.84 5.73 -9.49
N MET A 197 10.89 6.93 -10.07
CA MET A 197 9.70 7.56 -10.63
C MET A 197 9.19 6.72 -11.81
N ALA A 198 10.11 6.28 -12.65
CA ALA A 198 9.72 5.51 -13.80
C ALA A 198 9.07 4.18 -13.40
N LYS A 199 9.68 3.42 -12.49
CA LYS A 199 9.12 2.15 -12.04
C LYS A 199 7.73 2.33 -11.46
N GLU A 200 7.54 3.40 -10.68
CA GLU A 200 6.23 3.70 -10.10
C GLU A 200 5.24 3.93 -11.23
N ALA A 201 5.72 4.53 -12.32
CA ALA A 201 4.84 4.77 -13.45
C ALA A 201 4.55 3.41 -14.09
N LEU A 202 5.52 2.51 -14.05
CA LEU A 202 5.36 1.19 -14.64
C LEU A 202 4.32 0.41 -13.85
N GLU A 203 4.32 0.63 -12.54
CA GLU A 203 3.36 -0.01 -11.63
C GLU A 203 1.97 0.50 -11.97
N GLY A 204 1.85 1.80 -12.20
CA GLY A 204 0.58 2.38 -12.54
C GLY A 204 0.09 1.85 -13.87
N LEU A 205 1.02 1.69 -14.81
CA LEU A 205 0.67 1.19 -16.13
C LEU A 205 0.08 -0.22 -16.02
N THR A 206 0.68 -1.03 -15.16
CA THR A 206 0.22 -2.39 -14.96
C THR A 206 -1.24 -2.41 -14.54
N ARG A 207 -1.56 -1.68 -13.49
CA ARG A 207 -2.93 -1.64 -13.01
C ARG A 207 -3.89 -1.01 -14.01
N SER A 208 -3.50 0.11 -14.58
CA SER A 208 -4.37 0.79 -15.55
C SER A 208 -4.61 -0.06 -16.79
N ALA A 209 -3.55 -0.56 -17.40
CA ALA A 209 -3.72 -1.38 -18.60
C ALA A 209 -4.57 -2.59 -18.27
N ALA A 210 -4.22 -3.26 -17.17
CA ALA A 210 -4.93 -4.45 -16.70
C ALA A 210 -6.44 -4.26 -16.71
N LEU A 211 -6.87 -3.19 -16.09
CA LEU A 211 -8.28 -2.84 -16.01
C LEU A 211 -8.89 -2.53 -17.38
N GLU A 212 -8.14 -1.83 -18.21
CA GLU A 212 -8.68 -1.48 -19.52
C GLU A 212 -8.58 -2.58 -20.57
N LEU A 213 -7.73 -3.57 -20.34
CA LEU A 213 -7.57 -4.63 -21.34
C LEU A 213 -8.26 -5.93 -20.96
N ALA A 214 -8.90 -5.95 -19.79
CA ALA A 214 -9.60 -7.13 -19.30
C ALA A 214 -10.66 -7.53 -20.33
N SER A 215 -11.31 -6.54 -20.91
CA SER A 215 -12.32 -6.78 -21.93
C SER A 215 -11.74 -7.67 -23.02
N LEU A 216 -10.60 -7.27 -23.60
CA LEU A 216 -9.94 -8.04 -24.67
C LEU A 216 -9.30 -9.32 -24.16
N GLN A 217 -9.52 -9.63 -22.90
CA GLN A 217 -8.95 -10.82 -22.27
C GLN A 217 -7.43 -10.77 -22.22
N ILE A 218 -6.88 -9.56 -22.06
CA ILE A 218 -5.43 -9.39 -21.99
C ILE A 218 -5.03 -9.07 -20.56
N ARG A 219 -4.41 -10.02 -19.88
CA ARG A 219 -3.96 -9.84 -18.51
C ARG A 219 -2.70 -9.00 -18.47
N VAL A 220 -2.55 -8.18 -17.43
CA VAL A 220 -1.37 -7.34 -17.31
C VAL A 220 -0.89 -7.43 -15.87
N ASN A 221 0.29 -8.00 -15.66
CA ASN A 221 0.83 -8.14 -14.31
C ASN A 221 2.28 -7.73 -14.20
N GLY A 222 2.77 -7.60 -12.98
CA GLY A 222 4.15 -7.21 -12.77
C GLY A 222 4.92 -8.15 -11.85
N VAL A 223 6.22 -8.23 -12.07
CA VAL A 223 7.10 -9.06 -11.24
C VAL A 223 8.13 -8.11 -10.66
N SER A 224 8.16 -7.99 -9.34
CA SER A 224 9.11 -7.09 -8.72
C SER A 224 10.21 -7.77 -7.90
N PRO A 225 11.40 -7.94 -8.51
CA PRO A 225 12.55 -8.57 -7.84
C PRO A 225 13.12 -7.60 -6.83
N GLY A 226 13.78 -8.14 -5.81
CA GLY A 226 14.42 -7.31 -4.81
C GLY A 226 15.86 -7.18 -5.25
N LEU A 227 16.61 -8.25 -4.99
CA LEU A 227 18.03 -8.33 -5.35
C LEU A 227 18.22 -9.63 -6.12
N SER A 228 18.73 -9.50 -7.35
CA SER A 228 18.97 -10.63 -8.25
C SER A 228 20.17 -10.34 -9.14
N VAL A 229 20.84 -11.38 -9.62
CA VAL A 229 21.99 -11.18 -10.50
C VAL A 229 22.48 -9.73 -10.43
N LEU A 230 23.16 -9.36 -9.35
CA LEU A 230 23.70 -8.00 -9.20
C LEU A 230 24.30 -7.52 -10.51
N PRO A 231 24.43 -6.18 -10.70
CA PRO A 231 24.98 -5.60 -11.93
C PRO A 231 25.86 -6.53 -12.75
N ASP A 232 27.17 -6.38 -12.56
CA ASP A 232 28.18 -7.20 -13.24
C ASP A 232 29.51 -6.59 -12.87
N ASP A 233 29.47 -5.28 -12.64
CA ASP A 233 30.61 -4.48 -12.23
C ASP A 233 30.37 -4.08 -10.77
N MET A 234 30.12 -5.08 -9.93
CA MET A 234 29.89 -4.86 -8.52
C MET A 234 30.99 -5.58 -7.74
N PRO A 235 31.85 -4.83 -7.05
CA PRO A 235 32.92 -5.49 -6.29
C PRO A 235 32.35 -6.63 -5.43
N PHE A 236 33.00 -7.79 -5.46
CA PHE A 236 32.56 -8.96 -4.69
C PHE A 236 32.31 -8.58 -3.23
N SER A 237 33.01 -7.55 -2.76
CA SER A 237 32.86 -7.06 -1.39
C SER A 237 31.50 -6.40 -1.28
N VAL A 238 31.20 -5.57 -2.28
CA VAL A 238 29.93 -4.85 -2.32
C VAL A 238 28.78 -5.83 -2.56
N GLN A 239 29.03 -6.86 -3.37
CA GLN A 239 28.00 -7.85 -3.65
C GLN A 239 27.65 -8.61 -2.39
N GLU A 240 28.66 -9.16 -1.72
CA GLU A 240 28.41 -9.92 -0.51
C GLU A 240 27.78 -9.02 0.56
N ASP A 241 27.96 -7.72 0.42
CA ASP A 241 27.37 -6.77 1.36
C ASP A 241 25.86 -6.89 1.24
N TYR A 242 25.35 -6.58 0.06
CA TYR A 242 23.93 -6.63 -0.20
C TYR A 242 23.30 -7.97 0.10
N ARG A 243 23.95 -9.06 -0.28
CA ARG A 243 23.35 -10.37 -0.03
C ARG A 243 23.20 -10.79 1.42
N ARG A 244 23.96 -10.19 2.32
CA ARG A 244 23.79 -10.57 3.73
C ARG A 244 22.67 -9.73 4.34
N LYS A 245 22.08 -8.84 3.53
CA LYS A 245 20.98 -7.99 3.98
C LYS A 245 19.62 -8.66 3.72
N VAL A 246 19.63 -9.71 2.91
CA VAL A 246 18.42 -10.43 2.55
C VAL A 246 17.99 -11.50 3.55
N PRO A 247 16.83 -11.30 4.20
CA PRO A 247 16.24 -12.19 5.20
C PRO A 247 16.16 -13.68 4.87
N LEU A 248 16.06 -14.04 3.58
CA LEU A 248 15.96 -15.45 3.21
C LEU A 248 17.17 -15.93 2.42
N TYR A 249 17.94 -16.83 3.03
CA TYR A 249 19.13 -17.41 2.41
C TYR A 249 20.30 -16.42 2.37
N GLN A 250 20.06 -15.21 2.83
CA GLN A 250 21.08 -14.16 2.86
C GLN A 250 21.87 -14.14 1.56
N ARG A 251 21.15 -14.22 0.45
CA ARG A 251 21.77 -14.19 -0.88
C ARG A 251 20.76 -13.57 -1.82
N ASN A 252 21.25 -12.96 -2.89
CA ASN A 252 20.38 -12.37 -3.90
C ASN A 252 19.76 -13.54 -4.65
N SER A 253 18.78 -13.26 -5.51
CA SER A 253 18.13 -14.31 -6.26
C SER A 253 18.91 -14.67 -7.50
N SER A 254 18.48 -15.74 -8.15
CA SER A 254 19.11 -16.19 -9.37
C SER A 254 18.24 -15.60 -10.47
N ALA A 255 18.68 -15.69 -11.72
CA ALA A 255 17.89 -15.16 -12.82
C ALA A 255 16.67 -16.07 -12.95
N GLU A 256 16.92 -17.36 -12.77
CA GLU A 256 15.86 -18.35 -12.89
C GLU A 256 14.74 -18.21 -11.88
N GLU A 257 15.04 -17.68 -10.70
CA GLU A 257 14.02 -17.51 -9.68
C GLU A 257 13.09 -16.37 -10.05
N VAL A 258 13.58 -15.44 -10.85
CA VAL A 258 12.77 -14.32 -11.30
C VAL A 258 11.98 -14.74 -12.56
N SER A 259 12.60 -15.58 -13.39
CA SER A 259 11.94 -16.04 -14.60
C SER A 259 10.80 -17.05 -14.34
N ASP A 260 10.90 -17.82 -13.25
CA ASP A 260 9.86 -18.79 -12.93
C ASP A 260 8.56 -18.03 -12.68
N VAL A 261 8.68 -16.85 -12.10
CA VAL A 261 7.52 -16.03 -11.83
C VAL A 261 6.85 -15.62 -13.14
N VAL A 262 7.67 -15.27 -14.14
CA VAL A 262 7.15 -14.87 -15.44
C VAL A 262 6.47 -16.01 -16.18
N ILE A 263 7.06 -17.20 -16.10
CA ILE A 263 6.47 -18.35 -16.76
C ILE A 263 5.15 -18.68 -16.08
N PHE A 264 5.10 -18.47 -14.77
CA PHE A 264 3.89 -18.73 -14.00
C PHE A 264 2.77 -17.76 -14.40
N LEU A 265 3.11 -16.48 -14.52
CA LEU A 265 2.11 -15.47 -14.87
C LEU A 265 1.54 -15.67 -16.25
N CYS A 266 2.32 -16.30 -17.13
CA CYS A 266 1.90 -16.55 -18.49
C CYS A 266 1.30 -17.93 -18.63
N SER A 267 1.50 -18.76 -17.60
CA SER A 267 0.96 -20.11 -17.63
C SER A 267 -0.55 -20.01 -17.51
N PRO A 268 -1.28 -21.08 -17.82
CA PRO A 268 -2.74 -20.98 -17.70
C PRO A 268 -3.17 -21.10 -16.24
N LYS A 269 -2.22 -21.46 -15.37
CA LYS A 269 -2.52 -21.62 -13.96
C LYS A 269 -2.60 -20.28 -13.23
N ALA A 270 -2.58 -19.20 -13.99
CA ALA A 270 -2.67 -17.87 -13.42
C ALA A 270 -3.62 -17.01 -14.25
N LYS A 271 -4.40 -17.68 -15.09
CA LYS A 271 -5.35 -17.03 -15.98
C LYS A 271 -6.38 -16.09 -15.35
N TYR A 272 -6.54 -16.14 -14.03
CA TYR A 272 -7.53 -15.26 -13.40
C TYR A 272 -6.83 -14.07 -12.73
N ILE A 273 -5.50 -14.10 -12.77
CA ILE A 273 -4.64 -13.08 -12.18
C ILE A 273 -4.42 -11.92 -13.16
N THR A 274 -4.57 -10.68 -12.69
CA THR A 274 -4.37 -9.52 -13.56
C THR A 274 -4.26 -8.21 -12.76
N GLY A 275 -3.46 -7.27 -13.25
CA GLY A 275 -3.31 -6.02 -12.55
C GLY A 275 -2.68 -6.16 -11.17
N THR A 276 -1.92 -7.22 -10.95
CA THR A 276 -1.28 -7.45 -9.66
C THR A 276 0.24 -7.56 -9.84
N CYS A 277 0.99 -7.46 -8.75
CA CYS A 277 2.46 -7.54 -8.78
C CYS A 277 2.88 -8.62 -7.79
N ILE A 278 3.81 -9.48 -8.19
CA ILE A 278 4.31 -10.53 -7.31
C ILE A 278 5.78 -10.27 -6.98
N LYS A 279 6.10 -10.19 -5.69
CA LYS A 279 7.47 -9.94 -5.25
C LYS A 279 8.33 -11.19 -5.18
N VAL A 280 9.60 -11.05 -5.51
CA VAL A 280 10.56 -12.15 -5.47
C VAL A 280 11.80 -11.55 -4.80
N ASP A 281 11.61 -11.05 -3.59
CA ASP A 281 12.70 -10.42 -2.84
C ASP A 281 13.25 -11.24 -1.68
N GLY A 282 12.67 -12.40 -1.45
CA GLY A 282 13.13 -13.23 -0.35
C GLY A 282 12.93 -12.54 1.00
N GLY A 283 12.04 -11.54 1.03
CA GLY A 283 11.76 -10.82 2.25
C GLY A 283 12.57 -9.55 2.46
N TYR A 284 13.39 -9.19 1.47
CA TYR A 284 14.22 -7.99 1.55
C TYR A 284 13.45 -6.69 1.79
N SER A 285 12.24 -6.58 1.23
CA SER A 285 11.45 -5.36 1.40
C SER A 285 10.72 -5.28 2.75
N LEU A 286 10.93 -6.29 3.59
CA LEU A 286 10.31 -6.35 4.92
C LEU A 286 11.30 -5.84 5.97
N THR A 287 12.47 -5.42 5.53
CA THR A 287 13.50 -4.94 6.45
C THR A 287 13.58 -3.43 6.54
N ARG A 288 13.99 -2.97 7.72
CA ARG A 288 14.13 -1.55 8.00
C ARG A 288 15.58 -1.28 8.39
N ALA A 289 15.94 -0.01 8.45
CA ALA A 289 17.30 0.38 8.81
C ALA A 289 17.50 0.36 10.33
N SER B 4 -26.99 26.80 26.52
CA SER B 4 -26.60 25.39 26.44
C SER B 4 -25.49 25.08 25.36
N PRO B 5 -24.55 26.08 25.05
CA PRO B 5 -23.53 25.75 24.02
C PRO B 5 -22.70 24.53 24.52
N THR B 6 -22.05 24.64 25.70
CA THR B 6 -21.17 23.57 26.26
C THR B 6 -19.90 23.14 25.44
N ALA B 7 -18.82 22.86 26.17
CA ALA B 7 -17.53 22.47 25.59
C ALA B 7 -17.43 21.00 25.23
N PRO B 8 -16.83 20.70 24.06
CA PRO B 8 -16.61 19.36 23.51
C PRO B 8 -15.87 18.48 24.48
N VAL B 9 -16.16 17.18 24.41
CA VAL B 9 -15.55 16.20 25.28
C VAL B 9 -14.67 15.28 24.43
N ALA B 10 -13.55 14.88 25.02
CA ALA B 10 -12.60 14.00 24.34
C ALA B 10 -12.21 12.87 25.29
N LEU B 11 -12.26 11.65 24.78
CA LEU B 11 -11.89 10.48 25.57
C LEU B 11 -10.55 10.00 25.05
N VAL B 12 -9.51 10.08 25.87
CA VAL B 12 -8.18 9.65 25.47
C VAL B 12 -7.73 8.49 26.33
N THR B 13 -7.63 7.31 25.74
CA THR B 13 -7.21 6.11 26.46
C THR B 13 -5.69 6.10 26.60
N GLY B 14 -5.20 5.72 27.77
CA GLY B 14 -3.76 5.71 27.99
C GLY B 14 -3.24 7.14 28.04
N ALA B 15 -4.12 8.07 28.43
CA ALA B 15 -3.76 9.49 28.51
C ALA B 15 -2.88 9.84 29.71
N ALA B 16 -2.58 8.83 30.52
CA ALA B 16 -1.77 8.99 31.72
C ALA B 16 -0.42 9.69 31.53
N LYS B 17 0.42 9.14 30.67
CA LYS B 17 1.75 9.69 30.46
C LYS B 17 2.13 9.69 28.98
N ARG B 18 3.38 10.05 28.70
CA ARG B 18 3.91 10.06 27.35
C ARG B 18 3.00 10.68 26.29
N LEU B 19 2.79 9.97 25.19
CA LEU B 19 1.95 10.46 24.10
C LEU B 19 0.48 10.67 24.47
N GLY B 20 -0.08 9.78 25.26
CA GLY B 20 -1.46 9.94 25.66
C GLY B 20 -1.65 11.27 26.38
N SER B 21 -0.73 11.56 27.28
CA SER B 21 -0.77 12.79 28.04
C SER B 21 -0.64 13.99 27.11
N SER B 22 0.32 13.96 26.20
CA SER B 22 0.51 15.06 25.28
C SER B 22 -0.76 15.34 24.47
N ILE B 23 -1.34 14.28 23.92
CA ILE B 23 -2.57 14.37 23.14
C ILE B 23 -3.75 14.94 23.93
N ALA B 24 -3.90 14.47 25.17
CA ALA B 24 -4.97 14.94 26.04
C ALA B 24 -4.79 16.43 26.39
N GLU B 25 -3.57 16.82 26.78
CA GLU B 25 -3.26 18.22 27.11
C GLU B 25 -3.46 19.08 25.88
N ALA B 26 -3.03 18.57 24.74
CA ALA B 26 -3.17 19.30 23.48
C ALA B 26 -4.65 19.57 23.20
N LEU B 27 -5.48 18.55 23.39
CA LEU B 27 -6.92 18.67 23.16
C LEU B 27 -7.56 19.59 24.20
N HIS B 28 -7.18 19.41 25.47
CA HIS B 28 -7.72 20.24 26.55
C HIS B 28 -7.47 21.71 26.20
N ALA B 29 -6.26 21.99 25.76
CA ALA B 29 -5.83 23.33 25.39
C ALA B 29 -6.68 23.97 24.30
N GLU B 30 -7.23 23.14 23.40
CA GLU B 30 -8.05 23.64 22.31
C GLU B 30 -9.46 23.98 22.78
N GLY B 31 -9.80 23.53 23.98
CA GLY B 31 -11.13 23.81 24.49
C GLY B 31 -11.91 22.58 24.90
N TYR B 32 -11.43 21.38 24.56
CA TYR B 32 -12.15 20.15 24.94
C TYR B 32 -12.06 19.86 26.42
N THR B 33 -13.05 19.12 26.92
CA THR B 33 -13.02 18.68 28.31
C THR B 33 -12.47 17.27 28.09
N VAL B 34 -11.64 16.75 28.98
CA VAL B 34 -11.08 15.42 28.70
C VAL B 34 -11.23 14.33 29.73
N CYS B 35 -11.59 13.15 29.27
CA CYS B 35 -11.74 11.97 30.12
C CYS B 35 -10.46 11.15 29.97
N LEU B 36 -9.54 11.30 30.91
CA LEU B 36 -8.26 10.61 30.86
C LEU B 36 -8.32 9.18 31.36
N HIS B 37 -8.27 8.22 30.43
CA HIS B 37 -8.27 6.81 30.83
C HIS B 37 -6.86 6.35 31.15
N TYR B 38 -6.76 5.37 32.03
CA TYR B 38 -5.46 4.84 32.39
C TYR B 38 -5.69 3.40 32.83
N HIS B 39 -4.61 2.68 33.06
CA HIS B 39 -4.69 1.29 33.50
C HIS B 39 -3.99 1.16 34.86
N ARG B 40 -2.68 1.35 34.86
CA ARG B 40 -1.90 1.24 36.08
C ARG B 40 -1.30 2.55 36.58
N SER B 41 -1.20 3.55 35.70
CA SER B 41 -0.62 4.84 36.06
C SER B 41 -1.61 5.79 36.75
N ALA B 42 -2.30 5.25 37.74
CA ALA B 42 -3.27 6.01 38.51
C ALA B 42 -2.72 7.34 39.02
N ALA B 43 -1.48 7.33 39.52
CA ALA B 43 -0.89 8.56 40.06
C ALA B 43 -0.61 9.66 39.02
N ASP B 44 -0.08 9.28 37.86
CA ASP B 44 0.22 10.27 36.82
C ASP B 44 -1.06 10.86 36.22
N ALA B 45 -2.06 10.00 36.01
CA ALA B 45 -3.35 10.41 35.44
C ALA B 45 -4.01 11.44 36.35
N SER B 46 -3.82 11.25 37.65
CA SER B 46 -4.36 12.15 38.66
C SER B 46 -3.60 13.46 38.58
N THR B 47 -2.27 13.36 38.48
CA THR B 47 -1.42 14.54 38.37
C THR B 47 -1.89 15.38 37.18
N LEU B 48 -2.10 14.72 36.04
CA LEU B 48 -2.53 15.41 34.84
C LEU B 48 -3.86 16.11 35.09
N ALA B 49 -4.86 15.31 35.46
CA ALA B 49 -6.19 15.83 35.79
C ALA B 49 -6.04 17.05 36.68
N ALA B 50 -5.30 16.88 37.78
CA ALA B 50 -5.07 17.98 38.71
C ALA B 50 -4.62 19.22 37.95
N THR B 51 -3.51 19.09 37.20
CA THR B 51 -3.01 20.21 36.42
C THR B 51 -4.11 20.85 35.59
N LEU B 52 -4.83 20.00 34.85
CA LEU B 52 -5.92 20.44 33.99
C LEU B 52 -7.11 21.11 34.69
N ASN B 53 -7.57 20.55 35.81
CA ASN B 53 -8.71 21.16 36.48
C ASN B 53 -8.32 22.45 37.17
N ALA B 54 -7.02 22.63 37.41
CA ALA B 54 -6.56 23.88 38.03
C ALA B 54 -6.66 24.98 36.98
N ARG B 55 -6.33 24.66 35.74
CA ARG B 55 -6.41 25.62 34.65
C ARG B 55 -7.88 25.97 34.40
N ARG B 56 -8.68 24.94 34.18
CA ARG B 56 -10.10 25.11 33.94
C ARG B 56 -10.85 24.11 34.81
N PRO B 57 -11.76 24.60 35.66
CA PRO B 57 -12.51 23.70 36.53
C PRO B 57 -13.31 22.63 35.79
N ASN B 58 -13.31 21.42 36.33
CA ASN B 58 -14.06 20.33 35.75
C ASN B 58 -13.83 20.16 34.25
N SER B 59 -12.57 20.10 33.84
CA SER B 59 -12.27 19.92 32.44
C SER B 59 -11.50 18.62 32.23
N ALA B 60 -11.44 17.80 33.28
CA ALA B 60 -10.75 16.52 33.22
C ALA B 60 -11.22 15.53 34.28
N ILE B 61 -11.36 14.27 33.89
CA ILE B 61 -11.75 13.22 34.82
C ILE B 61 -10.91 12.01 34.47
N THR B 62 -10.81 11.06 35.39
CA THR B 62 -10.02 9.86 35.13
C THR B 62 -10.88 8.61 35.23
N VAL B 63 -10.45 7.56 34.53
CA VAL B 63 -11.14 6.28 34.56
C VAL B 63 -10.16 5.15 34.32
N GLN B 64 -10.02 4.30 35.32
CA GLN B 64 -9.14 3.14 35.27
C GLN B 64 -9.94 2.00 34.63
N ALA B 65 -9.30 1.24 33.76
CA ALA B 65 -9.95 0.12 33.09
C ALA B 65 -8.95 -0.68 32.28
N ASP B 66 -8.82 -1.96 32.59
CA ASP B 66 -7.90 -2.82 31.84
C ASP B 66 -8.51 -3.11 30.47
N LEU B 67 -7.80 -2.73 29.41
CA LEU B 67 -8.32 -2.91 28.06
C LEU B 67 -7.92 -4.25 27.43
N SER B 68 -7.29 -5.11 28.21
CA SER B 68 -6.92 -6.44 27.72
C SER B 68 -8.24 -7.21 27.51
N ASN B 69 -8.30 -8.05 26.48
CA ASN B 69 -9.51 -8.82 26.19
C ASN B 69 -9.75 -9.99 27.13
N VAL B 70 -9.94 -9.69 28.41
CA VAL B 70 -10.23 -10.70 29.42
C VAL B 70 -11.38 -10.15 30.24
N ALA B 71 -11.65 -10.80 31.37
CA ALA B 71 -12.74 -10.36 32.23
C ALA B 71 -12.21 -9.87 33.59
N THR B 72 -12.94 -8.96 34.22
CA THR B 72 -12.51 -8.45 35.50
C THR B 72 -13.57 -8.75 36.55
N ALA B 73 -13.27 -8.82 37.79
CA ALA B 73 -14.23 -9.13 38.85
C ALA B 73 -15.30 -8.06 38.99
N SER B 74 -16.41 -8.16 39.26
CA SER B 74 -17.39 -7.09 39.43
C SER B 74 -16.97 -6.13 40.54
N SER B 81 -23.46 -9.24 39.29
CA SER B 81 -22.77 -10.33 39.99
C SER B 81 -21.66 -10.96 39.14
N VAL B 82 -21.95 -11.22 37.87
CA VAL B 82 -21.01 -11.83 36.93
C VAL B 82 -19.79 -10.94 36.66
N PRO B 83 -18.63 -11.54 36.35
CA PRO B 83 -17.45 -10.71 36.08
C PRO B 83 -17.76 -9.78 34.90
N VAL B 84 -16.91 -8.78 34.70
CA VAL B 84 -17.12 -7.82 33.62
C VAL B 84 -16.23 -8.07 32.40
N THR B 85 -16.86 -8.09 31.23
CA THR B 85 -16.17 -8.32 29.96
C THR B 85 -15.64 -7.03 29.34
N LEU B 86 -14.54 -7.17 28.59
CA LEU B 86 -13.89 -6.07 27.91
C LEU B 86 -14.95 -5.19 27.27
N PHE B 87 -15.90 -5.83 26.63
CA PHE B 87 -17.00 -5.13 25.97
C PHE B 87 -17.64 -4.18 26.96
N SER B 88 -18.06 -4.72 28.11
CA SER B 88 -18.70 -3.94 29.14
C SER B 88 -17.82 -2.78 29.60
N ARG B 89 -16.59 -3.10 30.01
CA ARG B 89 -15.67 -2.08 30.47
C ARG B 89 -15.54 -0.96 29.45
N CYS B 90 -15.48 -1.31 28.16
CA CYS B 90 -15.35 -0.28 27.14
C CYS B 90 -16.60 0.61 27.06
N SER B 91 -17.77 0.05 27.34
CA SER B 91 -19.01 0.84 27.31
C SER B 91 -19.00 1.84 28.45
N ALA B 92 -18.43 1.41 29.58
CA ALA B 92 -18.33 2.23 30.79
C ALA B 92 -17.54 3.50 30.50
N LEU B 93 -16.53 3.36 29.66
CA LEU B 93 -15.70 4.48 29.30
C LEU B 93 -16.46 5.52 28.50
N VAL B 94 -17.08 5.10 27.40
CA VAL B 94 -17.84 6.05 26.60
C VAL B 94 -18.91 6.69 27.48
N ASP B 95 -19.48 5.88 28.39
CA ASP B 95 -20.51 6.34 29.29
C ASP B 95 -20.04 7.37 30.31
N ALA B 96 -18.81 7.23 30.78
CA ALA B 96 -18.28 8.20 31.75
C ALA B 96 -18.48 9.62 31.22
N CYS B 97 -18.13 9.81 29.96
CA CYS B 97 -18.27 11.12 29.34
C CYS B 97 -19.72 11.58 29.26
N TYR B 98 -20.63 10.68 28.91
CA TYR B 98 -22.03 11.08 28.82
C TYR B 98 -22.61 11.32 30.21
N MET B 99 -22.19 10.51 31.17
CA MET B 99 -22.67 10.64 32.54
C MET B 99 -22.12 11.90 33.17
N HIS B 100 -20.89 12.24 32.84
CA HIS B 100 -20.27 13.42 33.43
C HIS B 100 -20.49 14.74 32.70
N TRP B 101 -20.52 14.71 31.37
CA TRP B 101 -20.73 15.95 30.61
C TRP B 101 -21.86 15.84 29.60
N GLY B 102 -22.43 14.65 29.50
CA GLY B 102 -23.53 14.48 28.57
C GLY B 102 -23.11 14.52 27.12
N ARG B 103 -21.88 14.09 26.82
CA ARG B 103 -21.40 14.08 25.44
C ARG B 103 -20.05 13.41 25.26
N CYS B 104 -19.69 13.20 23.99
CA CYS B 104 -18.44 12.58 23.60
C CYS B 104 -18.26 12.83 22.11
N ASP B 105 -17.35 13.74 21.79
CA ASP B 105 -17.10 14.13 20.40
C ASP B 105 -15.83 13.59 19.77
N VAL B 106 -14.85 13.25 20.59
CA VAL B 106 -13.57 12.77 20.09
C VAL B 106 -13.06 11.59 20.89
N LEU B 107 -12.66 10.55 20.17
CA LEU B 107 -12.10 9.36 20.78
C LEU B 107 -10.72 9.15 20.20
N VAL B 108 -9.75 8.85 21.06
CA VAL B 108 -8.40 8.62 20.61
C VAL B 108 -7.94 7.29 21.20
N ASN B 109 -7.87 6.26 20.37
CA ASN B 109 -7.43 4.96 20.84
C ASN B 109 -5.91 4.99 20.88
N ASN B 110 -5.39 5.34 22.06
CA ASN B 110 -3.97 5.47 22.29
C ASN B 110 -3.38 4.29 23.05
N ALA B 111 -4.13 3.77 24.02
CA ALA B 111 -3.66 2.65 24.85
C ALA B 111 -3.12 1.51 24.01
N SER B 112 -1.89 1.09 24.32
CA SER B 112 -1.24 0.01 23.57
C SER B 112 -0.12 -0.70 24.30
N SER B 113 -0.25 -2.02 24.48
CA SER B 113 0.81 -2.78 25.11
C SER B 113 1.82 -3.13 24.01
N PHE B 114 3.10 -2.91 24.30
CA PHE B 114 4.14 -3.13 23.30
C PHE B 114 5.29 -4.05 23.71
N TYR B 115 5.14 -5.35 23.50
CA TYR B 115 6.23 -6.25 23.85
C TYR B 115 6.39 -7.45 22.92
N PRO B 116 7.59 -8.05 22.91
CA PRO B 116 7.90 -9.20 22.07
C PRO B 116 7.01 -10.40 22.31
N THR B 117 6.93 -11.24 21.28
CA THR B 117 6.18 -12.48 21.32
C THR B 117 6.74 -13.44 20.28
N PRO B 118 8.02 -13.82 20.44
CA PRO B 118 8.72 -14.73 19.54
C PRO B 118 7.86 -15.90 19.09
N LEU B 119 8.18 -16.43 17.92
CA LEU B 119 7.46 -17.59 17.39
C LEU B 119 8.23 -18.84 17.85
N LEU B 120 9.52 -18.64 18.16
CA LEU B 120 10.43 -19.69 18.61
C LEU B 120 10.70 -19.68 20.15
N ARG B 121 11.49 -20.63 20.66
CA ARG B 121 11.81 -20.70 22.11
C ARG B 121 13.00 -19.82 22.53
N LYS B 122 13.74 -20.21 23.60
CA LYS B 122 14.84 -19.40 24.12
C LYS B 122 16.17 -19.97 23.67
N LYS B 134 2.91 -20.19 26.79
CA LYS B 134 2.59 -21.12 27.86
C LYS B 134 1.30 -20.60 28.44
N GLU B 135 1.41 -19.48 29.14
CA GLU B 135 0.26 -18.82 29.73
C GLU B 135 0.67 -17.44 29.30
N SER B 136 1.97 -17.19 29.46
CA SER B 136 2.58 -15.93 29.11
C SER B 136 2.05 -15.52 27.77
N LEU B 137 1.77 -16.52 26.94
CA LEU B 137 1.24 -16.30 25.61
C LEU B 137 -0.20 -15.85 25.64
N GLU B 138 -1.07 -16.70 26.17
CA GLU B 138 -2.49 -16.40 26.24
C GLU B 138 -2.81 -15.03 26.86
N VAL B 139 -1.96 -14.58 27.79
CA VAL B 139 -2.18 -13.28 28.43
C VAL B 139 -1.76 -12.18 27.46
N ALA B 140 -0.62 -12.39 26.81
CA ALA B 140 -0.09 -11.43 25.85
C ALA B 140 -0.98 -11.39 24.61
N ALA B 141 -1.66 -12.50 24.32
CA ALA B 141 -2.53 -12.58 23.18
C ALA B 141 -3.82 -11.81 23.46
N ALA B 142 -4.20 -11.74 24.73
CA ALA B 142 -5.41 -11.03 25.13
C ALA B 142 -5.07 -9.58 25.43
N ASP B 143 -3.85 -9.38 25.92
CA ASP B 143 -3.37 -8.05 26.26
C ASP B 143 -2.99 -7.24 25.01
N LEU B 144 -2.21 -7.83 24.10
CA LEU B 144 -1.79 -7.15 22.89
C LEU B 144 -2.94 -6.88 21.94
N PHE B 145 -3.78 -7.89 21.72
CA PHE B 145 -4.92 -7.72 20.82
C PHE B 145 -6.07 -6.93 21.40
N GLY B 146 -6.26 -7.04 22.70
CA GLY B 146 -7.34 -6.31 23.32
C GLY B 146 -7.07 -4.83 23.28
N SER B 147 -5.94 -4.43 23.85
CA SER B 147 -5.58 -3.02 23.91
C SER B 147 -5.48 -2.36 22.55
N ASN B 148 -4.67 -2.94 21.66
CA ASN B 148 -4.45 -2.39 20.34
C ASN B 148 -5.52 -2.61 19.28
N ALA B 149 -6.49 -3.48 19.52
CA ALA B 149 -7.50 -3.72 18.50
C ALA B 149 -8.94 -3.94 18.97
N ILE B 150 -9.16 -5.01 19.71
CA ILE B 150 -10.49 -5.33 20.19
C ILE B 150 -11.13 -4.26 21.08
N ALA B 151 -10.35 -3.66 21.96
CA ALA B 151 -10.88 -2.61 22.81
C ALA B 151 -11.28 -1.45 21.90
N PRO B 152 -10.35 -1.01 21.02
CA PRO B 152 -10.68 0.10 20.11
C PRO B 152 -11.97 -0.18 19.33
N TYR B 153 -12.21 -1.46 19.05
CA TYR B 153 -13.41 -1.85 18.32
C TYR B 153 -14.68 -1.57 19.13
N PHE B 154 -14.71 -2.04 20.37
CA PHE B 154 -15.89 -1.81 21.20
C PHE B 154 -16.10 -0.34 21.49
N LEU B 155 -15.00 0.38 21.68
CA LEU B 155 -15.06 1.81 21.96
C LEU B 155 -15.65 2.57 20.80
N ILE B 156 -15.15 2.31 19.59
CA ILE B 156 -15.67 3.02 18.43
C ILE B 156 -17.14 2.68 18.28
N LYS B 157 -17.49 1.43 18.59
CA LYS B 157 -18.86 0.99 18.49
C LYS B 157 -19.79 1.71 19.47
N ALA B 158 -19.39 1.75 20.74
CA ALA B 158 -20.18 2.39 21.77
C ALA B 158 -20.30 3.89 21.46
N PHE B 159 -19.16 4.47 21.08
CA PHE B 159 -19.09 5.88 20.74
C PHE B 159 -20.03 6.19 19.59
N ALA B 160 -20.06 5.30 18.60
CA ALA B 160 -20.94 5.47 17.45
C ALA B 160 -22.42 5.39 17.80
N GLN B 161 -22.79 4.37 18.56
CA GLN B 161 -24.19 4.21 18.95
C GLN B 161 -24.75 5.46 19.61
N ARG B 162 -24.07 5.96 20.65
CA ARG B 162 -24.53 7.16 21.37
C ARG B 162 -24.79 8.29 20.40
N VAL B 163 -23.95 8.42 19.39
CA VAL B 163 -24.18 9.48 18.43
C VAL B 163 -25.55 9.20 17.82
N ALA B 164 -25.75 7.98 17.36
CA ALA B 164 -27.01 7.59 16.74
C ALA B 164 -28.18 7.68 17.72
N ASP B 165 -27.93 7.25 18.96
CA ASP B 165 -28.95 7.29 20.01
C ASP B 165 -29.19 8.73 20.48
N THR B 166 -28.66 9.69 19.72
CA THR B 166 -28.82 11.10 20.03
C THR B 166 -29.60 11.78 18.91
N ARG B 167 -30.48 12.70 19.28
CA ARG B 167 -31.30 13.41 18.30
C ARG B 167 -30.47 14.22 17.32
N ALA B 168 -30.85 14.15 16.05
CA ALA B 168 -30.15 14.87 15.00
C ALA B 168 -29.88 16.32 15.41
N GLU B 169 -30.76 16.88 16.23
CA GLU B 169 -30.61 18.27 16.68
C GLU B 169 -29.64 18.47 17.82
N GLN B 170 -29.51 17.49 18.71
CA GLN B 170 -28.56 17.65 19.81
C GLN B 170 -27.21 17.00 19.52
N ARG B 171 -26.91 16.85 18.23
CA ARG B 171 -25.67 16.25 17.80
C ARG B 171 -24.55 17.24 17.61
N GLY B 172 -23.38 16.90 18.14
CA GLY B 172 -22.22 17.76 17.98
C GLY B 172 -21.93 17.91 16.50
N THR B 173 -21.04 18.82 16.15
CA THR B 173 -20.74 19.03 14.74
C THR B 173 -19.33 18.63 14.30
N SER B 174 -18.58 17.98 15.17
CA SER B 174 -17.23 17.59 14.81
C SER B 174 -16.81 16.27 15.46
N TYR B 175 -17.58 15.21 15.20
CA TYR B 175 -17.25 13.90 15.75
C TYR B 175 -16.02 13.41 15.03
N SER B 176 -14.99 13.05 15.80
CA SER B 176 -13.75 12.62 15.20
C SER B 176 -13.12 11.51 16.02
N ILE B 177 -12.74 10.42 15.35
CA ILE B 177 -12.10 9.31 16.03
C ILE B 177 -10.68 9.19 15.48
N VAL B 178 -9.71 9.04 16.37
CA VAL B 178 -8.32 8.93 15.92
C VAL B 178 -7.67 7.68 16.48
N ASN B 179 -7.27 6.78 15.60
CA ASN B 179 -6.62 5.56 16.04
C ASN B 179 -5.12 5.72 15.90
N MET B 180 -4.41 5.53 17.02
CA MET B 180 -2.95 5.59 17.07
C MET B 180 -2.42 4.25 16.60
N VAL B 181 -1.70 4.26 15.49
CA VAL B 181 -1.16 3.02 14.95
C VAL B 181 0.36 3.10 14.80
N ASP B 182 0.92 2.31 13.90
CA ASP B 182 2.36 2.29 13.69
C ASP B 182 2.70 2.51 12.22
N ALA B 183 3.68 3.35 11.97
CA ALA B 183 4.09 3.65 10.61
C ALA B 183 5.07 2.60 10.07
N MET B 184 5.67 1.80 10.96
CA MET B 184 6.63 0.78 10.54
C MET B 184 6.08 -0.63 10.44
N THR B 185 4.78 -0.81 10.67
CA THR B 185 4.20 -2.16 10.61
C THR B 185 4.48 -2.91 9.31
N SER B 186 4.76 -2.19 8.23
CA SER B 186 5.07 -2.84 6.95
C SER B 186 6.40 -3.57 7.05
N GLN B 187 7.31 -2.99 7.82
CA GLN B 187 8.63 -3.58 8.03
C GLN B 187 8.60 -4.13 9.45
N PRO B 188 7.86 -5.23 9.65
CA PRO B 188 7.71 -5.87 10.96
C PRO B 188 8.95 -5.89 11.83
N LEU B 189 8.86 -5.26 13.00
CA LEU B 189 9.95 -5.24 13.96
C LEU B 189 10.10 -6.71 14.38
N LEU B 190 11.32 -7.23 14.28
CA LEU B 190 11.55 -8.64 14.63
C LEU B 190 11.17 -9.02 16.06
N GLY B 191 10.25 -9.98 16.16
CA GLY B 191 9.80 -10.47 17.46
C GLY B 191 8.43 -10.03 17.93
N TYR B 192 7.92 -8.92 17.40
CA TYR B 192 6.63 -8.41 17.84
C TYR B 192 5.46 -8.76 16.90
N THR B 193 5.33 -10.04 16.58
CA THR B 193 4.28 -10.47 15.67
C THR B 193 2.83 -10.15 16.04
N MET B 194 2.43 -10.38 17.28
CA MET B 194 1.04 -10.08 17.67
C MET B 194 0.79 -8.60 17.64
N TYR B 195 1.72 -7.83 18.19
CA TYR B 195 1.60 -6.39 18.21
C TYR B 195 1.39 -5.92 16.77
N THR B 196 2.30 -6.34 15.89
CA THR B 196 2.21 -5.99 14.49
C THR B 196 0.83 -6.34 13.91
N MET B 197 0.39 -7.58 14.15
CA MET B 197 -0.90 -8.04 13.66
C MET B 197 -2.01 -7.13 14.17
N ALA B 198 -1.92 -6.80 15.45
CA ALA B 198 -2.91 -5.97 16.10
C ALA B 198 -2.92 -4.56 15.51
N LYS B 199 -1.75 -3.98 15.33
CA LYS B 199 -1.71 -2.63 14.78
C LYS B 199 -2.41 -2.59 13.44
N GLU B 200 -2.16 -3.59 12.60
CA GLU B 200 -2.81 -3.59 11.31
C GLU B 200 -4.29 -3.94 11.37
N ALA B 201 -4.71 -4.64 12.42
CA ALA B 201 -6.12 -4.95 12.58
C ALA B 201 -6.74 -3.60 12.89
N LEU B 202 -6.01 -2.80 13.65
CA LEU B 202 -6.44 -1.46 14.02
C LEU B 202 -6.54 -0.59 12.77
N GLU B 203 -5.70 -0.85 11.77
CA GLU B 203 -5.76 -0.07 10.53
C GLU B 203 -7.03 -0.44 9.80
N GLY B 204 -7.36 -1.74 9.80
CA GLY B 204 -8.57 -2.19 9.15
C GLY B 204 -9.76 -1.53 9.83
N LEU B 205 -9.73 -1.55 11.16
CA LEU B 205 -10.79 -0.95 11.94
C LEU B 205 -10.96 0.50 11.54
N THR B 206 -9.84 1.18 11.32
CA THR B 206 -9.86 2.60 10.95
C THR B 206 -10.59 2.79 9.62
N ARG B 207 -10.21 2.01 8.62
CA ARG B 207 -10.82 2.10 7.30
C ARG B 207 -12.27 1.66 7.33
N SER B 208 -12.52 0.49 7.93
CA SER B 208 -13.87 -0.07 8.03
C SER B 208 -14.79 0.88 8.80
N ALA B 209 -14.33 1.31 9.97
CA ALA B 209 -15.10 2.23 10.80
C ALA B 209 -15.41 3.51 10.04
N ALA B 210 -14.41 4.05 9.36
CA ALA B 210 -14.60 5.26 8.58
C ALA B 210 -15.70 5.09 7.55
N LEU B 211 -15.64 4.01 6.79
CA LEU B 211 -16.66 3.75 5.78
C LEU B 211 -18.07 3.65 6.35
N GLU B 212 -18.21 2.90 7.45
CA GLU B 212 -19.51 2.66 8.10
C GLU B 212 -20.09 3.80 8.93
N LEU B 213 -19.25 4.70 9.44
CA LEU B 213 -19.76 5.80 10.26
C LEU B 213 -19.81 7.10 9.49
N ALA B 214 -19.56 7.04 8.18
CA ALA B 214 -19.60 8.26 7.39
C ALA B 214 -20.99 8.84 7.49
N SER B 215 -21.99 7.98 7.32
CA SER B 215 -23.40 8.36 7.39
C SER B 215 -23.76 9.21 8.61
N LEU B 216 -23.07 8.99 9.72
CA LEU B 216 -23.34 9.76 10.92
C LEU B 216 -22.36 10.94 11.06
N GLN B 217 -21.58 11.18 10.01
CA GLN B 217 -20.60 12.26 10.00
C GLN B 217 -19.53 12.11 11.06
N ILE B 218 -19.13 10.88 11.34
CA ILE B 218 -18.10 10.58 12.31
C ILE B 218 -16.84 10.19 11.54
N ARG B 219 -15.83 11.05 11.58
CA ARG B 219 -14.59 10.77 10.87
C ARG B 219 -13.76 9.83 11.71
N VAL B 220 -12.96 9.01 11.02
CA VAL B 220 -12.11 8.02 11.66
C VAL B 220 -10.79 7.99 10.92
N ASN B 221 -9.71 8.31 11.61
CA ASN B 221 -8.40 8.32 11.00
C ASN B 221 -7.36 7.76 11.95
N GLY B 222 -6.14 7.68 11.44
CA GLY B 222 -5.05 7.18 12.24
C GLY B 222 -3.83 8.08 12.13
N VAL B 223 -3.00 8.04 13.17
CA VAL B 223 -1.76 8.79 13.21
C VAL B 223 -0.69 7.71 13.34
N SER B 224 0.20 7.64 12.36
CA SER B 224 1.25 6.63 12.34
C SER B 224 2.65 7.16 12.68
N PRO B 225 3.06 7.08 13.95
CA PRO B 225 4.37 7.55 14.41
C PRO B 225 5.45 6.56 14.04
N GLY B 226 6.63 7.06 13.72
CA GLY B 226 7.75 6.19 13.40
C GLY B 226 8.43 5.91 14.73
N LEU B 227 9.24 6.89 15.15
CA LEU B 227 9.92 6.83 16.43
C LEU B 227 9.63 8.12 17.17
N SER B 228 8.78 8.05 18.20
CA SER B 228 8.48 9.25 18.96
C SER B 228 9.24 9.08 20.28
N VAL B 229 8.67 9.59 21.38
CA VAL B 229 9.31 9.47 22.68
C VAL B 229 9.67 8.00 22.82
N LEU B 230 10.97 7.74 22.91
CA LEU B 230 11.44 6.38 23.03
C LEU B 230 11.02 5.80 24.36
N PRO B 231 10.96 4.45 24.44
CA PRO B 231 10.55 3.78 25.68
C PRO B 231 11.27 4.42 26.85
N ASP B 232 10.55 4.57 27.95
CA ASP B 232 11.09 5.17 29.16
C ASP B 232 12.38 4.60 29.76
N ASP B 233 12.53 3.28 29.74
CA ASP B 233 13.71 2.66 30.33
C ASP B 233 14.88 2.42 29.39
N MET B 234 14.63 2.33 28.08
CA MET B 234 15.73 2.06 27.17
C MET B 234 16.81 3.11 27.38
N PRO B 235 18.06 2.65 27.53
CA PRO B 235 19.27 3.44 27.76
C PRO B 235 19.66 4.40 26.64
N PHE B 236 20.39 5.46 27.00
CA PHE B 236 20.85 6.45 26.03
C PHE B 236 21.52 5.81 24.82
N SER B 237 22.55 5.01 25.06
CA SER B 237 23.28 4.36 23.99
C SER B 237 22.40 3.64 22.97
N VAL B 238 21.31 3.03 23.45
CA VAL B 238 20.41 2.33 22.55
C VAL B 238 19.54 3.32 21.76
N GLN B 239 19.16 4.40 22.42
CA GLN B 239 18.31 5.40 21.79
C GLN B 239 18.99 6.15 20.69
N GLU B 240 20.14 6.72 20.99
CA GLU B 240 20.85 7.48 19.98
C GLU B 240 21.23 6.64 18.78
N ASP B 241 21.11 5.32 18.94
CA ASP B 241 21.37 4.40 17.84
C ASP B 241 20.17 4.52 16.91
N TYR B 242 18.99 4.59 17.51
CA TYR B 242 17.75 4.71 16.77
C TYR B 242 17.58 6.10 16.17
N ARG B 243 18.20 7.12 16.76
CA ARG B 243 18.05 8.46 16.23
C ARG B 243 18.80 8.67 14.94
N ARG B 244 19.97 8.02 14.81
CA ARG B 244 20.79 8.16 13.61
C ARG B 244 20.15 7.49 12.40
N LYS B 245 19.09 6.75 12.65
CA LYS B 245 18.40 6.05 11.58
C LYS B 245 17.26 6.89 10.96
N VAL B 246 16.89 7.99 11.59
CA VAL B 246 15.83 8.83 11.06
C VAL B 246 16.39 9.85 10.07
N PRO B 247 16.02 9.72 8.80
CA PRO B 247 16.47 10.59 7.72
C PRO B 247 16.34 12.08 8.02
N LEU B 248 15.24 12.45 8.65
CA LEU B 248 14.97 13.85 8.97
C LEU B 248 15.34 14.24 10.40
N TYR B 249 16.36 15.07 10.53
CA TYR B 249 16.85 15.56 11.84
C TYR B 249 17.61 14.53 12.69
N GLN B 250 17.74 13.31 12.20
CA GLN B 250 18.44 12.26 12.94
C GLN B 250 18.02 12.17 14.41
N ARG B 251 16.71 12.19 14.63
CA ARG B 251 16.15 12.09 15.97
C ARG B 251 14.75 11.52 15.89
N ASN B 252 14.20 11.19 17.05
CA ASN B 252 12.85 10.67 17.14
C ASN B 252 11.99 11.92 17.23
N SER B 253 10.68 11.78 17.11
CA SER B 253 9.79 12.93 17.19
C SER B 253 9.44 13.21 18.63
N SER B 254 9.16 14.48 18.93
CA SER B 254 8.76 14.86 20.27
C SER B 254 7.28 14.47 20.38
N ALA B 255 6.72 14.53 21.58
CA ALA B 255 5.32 14.17 21.75
C ALA B 255 4.47 15.23 21.07
N GLU B 256 4.87 16.48 21.20
CA GLU B 256 4.13 17.58 20.64
C GLU B 256 3.98 17.43 19.14
N GLU B 257 4.95 16.79 18.51
CA GLU B 257 4.90 16.62 17.07
C GLU B 257 3.87 15.59 16.65
N VAL B 258 3.76 14.52 17.44
CA VAL B 258 2.79 13.47 17.18
C VAL B 258 1.39 13.98 17.51
N SER B 259 1.23 14.57 18.69
CA SER B 259 -0.06 15.08 19.12
C SER B 259 -0.57 16.24 18.26
N ASP B 260 0.33 16.87 17.53
CA ASP B 260 -0.09 17.96 16.66
C ASP B 260 -0.87 17.42 15.47
N VAL B 261 -0.55 16.21 15.03
CA VAL B 261 -1.28 15.62 13.92
C VAL B 261 -2.68 15.25 14.42
N VAL B 262 -2.76 14.81 15.67
CA VAL B 262 -4.01 14.43 16.30
C VAL B 262 -4.97 15.63 16.39
N ILE B 263 -4.45 16.79 16.80
CA ILE B 263 -5.31 17.96 16.89
C ILE B 263 -5.75 18.39 15.51
N PHE B 264 -4.90 18.13 14.52
CA PHE B 264 -5.25 18.51 13.17
C PHE B 264 -6.48 17.77 12.69
N LEU B 265 -6.47 16.45 12.83
CA LEU B 265 -7.59 15.62 12.40
C LEU B 265 -8.89 15.89 13.15
N CYS B 266 -8.81 16.45 14.35
CA CYS B 266 -10.00 16.75 15.12
C CYS B 266 -10.49 18.18 14.83
N SER B 267 -9.71 18.95 14.10
CA SER B 267 -10.10 20.31 13.81
C SER B 267 -10.95 20.41 12.55
N PRO B 268 -11.70 21.51 12.41
CA PRO B 268 -12.53 21.64 11.22
C PRO B 268 -11.69 21.86 9.97
N LYS B 269 -10.37 21.90 10.16
CA LYS B 269 -9.44 22.10 9.06
C LYS B 269 -9.23 20.76 8.37
N ALA B 270 -9.82 19.72 8.94
CA ALA B 270 -9.69 18.38 8.39
C ALA B 270 -11.05 17.68 8.19
N LYS B 271 -12.14 18.39 8.43
CA LYS B 271 -13.50 17.82 8.34
C LYS B 271 -13.83 16.90 7.16
N TYR B 272 -13.13 17.06 6.04
CA TYR B 272 -13.40 16.20 4.89
C TYR B 272 -12.45 15.00 4.82
N ILE B 273 -11.66 14.81 5.87
CA ILE B 273 -10.68 13.71 5.94
C ILE B 273 -11.17 12.55 6.79
N THR B 274 -11.23 11.37 6.18
CA THR B 274 -11.66 10.18 6.92
C THR B 274 -11.08 8.91 6.29
N GLY B 275 -10.87 7.90 7.10
CA GLY B 275 -10.33 6.65 6.59
C GLY B 275 -8.87 6.71 6.18
N THR B 276 -8.13 7.69 6.69
CA THR B 276 -6.73 7.79 6.32
C THR B 276 -5.74 7.71 7.51
N CYS B 277 -4.49 7.38 7.21
CA CYS B 277 -3.43 7.30 8.21
C CYS B 277 -2.34 8.28 7.85
N ILE B 278 -2.09 9.24 8.74
CA ILE B 278 -1.03 10.21 8.50
C ILE B 278 0.25 9.78 9.23
N LYS B 279 1.35 9.64 8.50
CA LYS B 279 2.64 9.26 9.06
C LYS B 279 3.38 10.45 9.69
N VAL B 280 4.01 10.19 10.82
CA VAL B 280 4.80 11.18 11.53
C VAL B 280 6.05 10.39 11.90
N ASP B 281 6.75 9.93 10.87
CA ASP B 281 7.92 9.10 11.06
C ASP B 281 9.23 9.79 10.70
N GLY B 282 9.14 10.97 10.12
CA GLY B 282 10.36 11.68 9.75
C GLY B 282 11.11 11.00 8.61
N GLY B 283 10.41 10.16 7.86
CA GLY B 283 11.03 9.49 6.74
C GLY B 283 11.56 8.12 7.06
N TYR B 284 11.49 7.74 8.33
CA TYR B 284 11.99 6.45 8.80
C TYR B 284 11.56 5.23 8.00
N SER B 285 10.29 5.20 7.56
CA SER B 285 9.78 4.07 6.79
C SER B 285 10.22 4.05 5.33
N LEU B 286 11.10 5.00 4.98
CA LEU B 286 11.62 5.10 3.63
C LEU B 286 12.95 4.37 3.54
N THR B 287 13.56 4.16 4.71
CA THR B 287 14.85 3.49 4.81
C THR B 287 14.76 1.99 4.58
N ARG B 288 15.85 1.40 4.11
CA ARG B 288 15.88 -0.04 3.88
C ARG B 288 17.02 -0.62 4.71
N ALA B 289 17.04 -1.94 4.87
CA ALA B 289 18.11 -2.56 5.65
C ALA B 289 19.42 -2.59 4.85
N PRO C 5 13.51 41.24 9.24
CA PRO C 5 13.47 39.84 8.74
C PRO C 5 12.41 39.56 7.67
N THR C 6 12.38 38.33 7.15
CA THR C 6 11.41 38.17 6.11
C THR C 6 10.33 37.11 6.00
N ALA C 7 9.41 37.48 5.13
CA ALA C 7 8.25 36.70 4.82
C ALA C 7 8.64 35.59 3.87
N PRO C 8 8.21 34.35 4.18
CA PRO C 8 8.42 33.11 3.44
C PRO C 8 7.85 33.27 2.04
N VAL C 9 8.50 32.66 1.06
CA VAL C 9 8.02 32.73 -0.32
C VAL C 9 7.46 31.36 -0.67
N ALA C 10 6.35 31.35 -1.37
CA ALA C 10 5.73 30.10 -1.74
C ALA C 10 5.50 30.17 -3.23
N LEU C 11 6.00 29.16 -3.93
CA LEU C 11 5.85 29.07 -5.38
C LEU C 11 4.77 28.02 -5.63
N VAL C 12 3.66 28.45 -6.22
CA VAL C 12 2.53 27.57 -6.52
C VAL C 12 2.33 27.50 -8.03
N THR C 13 2.44 26.32 -8.62
CA THR C 13 2.26 26.20 -10.06
C THR C 13 0.78 26.04 -10.39
N GLY C 14 0.39 26.50 -11.57
CA GLY C 14 -1.00 26.42 -11.97
C GLY C 14 -1.87 27.00 -10.86
N ALA C 15 -1.50 28.18 -10.37
CA ALA C 15 -2.22 28.83 -9.29
C ALA C 15 -3.21 29.88 -9.74
N ALA C 16 -3.57 29.86 -11.02
CA ALA C 16 -4.51 30.83 -11.57
C ALA C 16 -5.93 30.60 -11.11
N LYS C 17 -6.35 29.34 -11.09
CA LYS C 17 -7.72 29.02 -10.69
C LYS C 17 -7.85 27.77 -9.85
N ARG C 18 -9.10 27.46 -9.52
CA ARG C 18 -9.46 26.28 -8.77
C ARG C 18 -8.57 26.01 -7.56
N LEU C 19 -8.16 24.76 -7.39
CA LEU C 19 -7.33 24.39 -6.26
C LEU C 19 -6.07 25.23 -6.15
N GLY C 20 -5.36 25.37 -7.27
CA GLY C 20 -4.14 26.16 -7.25
C GLY C 20 -4.36 27.53 -6.64
N SER C 21 -5.36 28.22 -7.17
CA SER C 21 -5.73 29.55 -6.72
C SER C 21 -6.08 29.55 -5.24
N SER C 22 -6.74 28.49 -4.77
CA SER C 22 -7.13 28.39 -3.37
C SER C 22 -5.92 28.21 -2.48
N ILE C 23 -4.92 27.49 -2.99
CA ILE C 23 -3.70 27.24 -2.24
C ILE C 23 -2.89 28.53 -2.13
N ALA C 24 -2.64 29.17 -3.27
CA ALA C 24 -1.87 30.41 -3.27
C ALA C 24 -2.45 31.40 -2.28
N GLU C 25 -3.78 31.46 -2.24
CA GLU C 25 -4.47 32.38 -1.35
C GLU C 25 -4.30 31.99 0.10
N ALA C 26 -4.57 30.73 0.40
CA ALA C 26 -4.46 30.21 1.75
C ALA C 26 -3.05 30.46 2.28
N LEU C 27 -2.05 30.17 1.44
CA LEU C 27 -0.65 30.38 1.79
C LEU C 27 -0.39 31.85 2.02
N HIS C 28 -0.96 32.69 1.15
CA HIS C 28 -0.80 34.13 1.24
C HIS C 28 -1.37 34.68 2.53
N ALA C 29 -2.56 34.21 2.91
CA ALA C 29 -3.19 34.69 4.13
C ALA C 29 -2.45 34.25 5.40
N GLU C 30 -1.59 33.24 5.27
CA GLU C 30 -0.82 32.77 6.42
C GLU C 30 0.38 33.66 6.64
N GLY C 31 0.70 34.48 5.65
CA GLY C 31 1.86 35.35 5.77
C GLY C 31 2.88 35.15 4.66
N TYR C 32 2.73 34.08 3.89
CA TYR C 32 3.65 33.80 2.80
C TYR C 32 3.52 34.83 1.67
N THR C 33 4.63 35.08 0.99
CA THR C 33 4.64 35.98 -0.15
C THR C 33 4.60 34.92 -1.24
N VAL C 34 3.69 35.04 -2.19
CA VAL C 34 3.56 34.00 -3.20
C VAL C 34 3.91 34.38 -4.61
N CYS C 35 4.35 33.37 -5.35
CA CYS C 35 4.71 33.50 -6.76
C CYS C 35 3.72 32.66 -7.55
N LEU C 36 2.72 33.32 -8.14
CA LEU C 36 1.67 32.66 -8.89
C LEU C 36 2.05 32.25 -10.30
N HIS C 37 2.28 30.96 -10.52
CA HIS C 37 2.62 30.50 -11.85
C HIS C 37 1.37 30.07 -12.63
N TYR C 38 1.35 30.37 -13.92
CA TYR C 38 0.23 29.98 -14.75
C TYR C 38 0.74 29.60 -16.13
N HIS C 39 -0.12 28.92 -16.89
CA HIS C 39 0.22 28.50 -18.23
C HIS C 39 -0.51 29.37 -19.24
N ARG C 40 -1.84 29.36 -19.17
CA ARG C 40 -2.66 30.12 -20.10
C ARG C 40 -3.58 31.16 -19.46
N SER C 41 -3.97 30.93 -18.21
CA SER C 41 -4.88 31.85 -17.52
C SER C 41 -4.19 33.12 -17.00
N ALA C 42 -3.48 33.79 -17.89
CA ALA C 42 -2.77 35.02 -17.55
C ALA C 42 -3.72 36.06 -16.95
N ALA C 43 -4.98 36.02 -17.37
CA ALA C 43 -5.98 36.96 -16.88
C ALA C 43 -6.28 36.69 -15.42
N ASP C 44 -6.59 35.44 -15.10
CA ASP C 44 -6.90 35.07 -13.74
C ASP C 44 -5.68 35.32 -12.87
N ALA C 45 -4.53 34.91 -13.37
CA ALA C 45 -3.30 35.12 -12.64
C ALA C 45 -3.24 36.57 -12.15
N SER C 46 -3.57 37.50 -13.05
CA SER C 46 -3.54 38.93 -12.72
C SER C 46 -4.57 39.39 -11.70
N THR C 47 -5.82 38.97 -11.88
CA THR C 47 -6.87 39.36 -10.95
C THR C 47 -6.43 38.95 -9.54
N LEU C 48 -5.90 37.73 -9.43
CA LEU C 48 -5.44 37.21 -8.15
C LEU C 48 -4.24 37.99 -7.63
N ALA C 49 -3.26 38.21 -8.49
CA ALA C 49 -2.07 38.95 -8.09
C ALA C 49 -2.45 40.33 -7.56
N ALA C 50 -3.41 40.97 -8.21
CA ALA C 50 -3.88 42.31 -7.83
C ALA C 50 -4.49 42.25 -6.44
N THR C 51 -5.40 41.31 -6.27
CA THR C 51 -6.08 41.10 -5.01
C THR C 51 -5.10 40.85 -3.87
N LEU C 52 -4.17 39.92 -4.09
CA LEU C 52 -3.20 39.59 -3.06
C LEU C 52 -2.26 40.76 -2.77
N ASN C 53 -2.00 41.59 -3.78
CA ASN C 53 -1.14 42.74 -3.58
C ASN C 53 -1.88 43.90 -2.91
N ALA C 54 -3.18 43.98 -3.15
CA ALA C 54 -3.99 45.03 -2.53
C ALA C 54 -3.99 44.84 -1.01
N ARG C 55 -4.22 43.60 -0.56
CA ARG C 55 -4.23 43.30 0.87
C ARG C 55 -2.84 43.50 1.47
N ARG C 56 -1.82 43.36 0.64
CA ARG C 56 -0.43 43.52 1.06
C ARG C 56 0.44 43.82 -0.15
N PRO C 57 1.16 44.95 -0.10
CA PRO C 57 2.05 45.40 -1.18
C PRO C 57 3.16 44.40 -1.49
N ASN C 58 3.46 44.26 -2.77
CA ASN C 58 4.51 43.35 -3.24
C ASN C 58 4.56 42.04 -2.44
N SER C 59 3.44 41.32 -2.42
CA SER C 59 3.36 40.05 -1.69
C SER C 59 3.03 38.90 -2.64
N ALA C 60 3.02 39.20 -3.94
CA ALA C 60 2.72 38.19 -4.94
C ALA C 60 3.07 38.68 -6.33
N ILE C 61 3.49 37.76 -7.19
CA ILE C 61 3.82 38.05 -8.59
C ILE C 61 3.33 36.89 -9.45
N THR C 62 3.47 37.00 -10.76
CA THR C 62 3.05 35.94 -11.65
C THR C 62 4.20 35.55 -12.59
N VAL C 63 4.23 34.29 -13.00
CA VAL C 63 5.27 33.80 -13.89
C VAL C 63 4.60 32.83 -14.87
N GLN C 64 4.90 32.98 -16.15
CA GLN C 64 4.29 32.13 -17.16
C GLN C 64 5.29 31.13 -17.74
N ALA C 65 4.87 29.86 -17.84
CA ALA C 65 5.72 28.82 -18.37
C ALA C 65 4.90 27.59 -18.70
N ASP C 66 5.32 26.86 -19.72
CA ASP C 66 4.64 25.64 -20.10
C ASP C 66 5.44 24.53 -19.43
N LEU C 67 4.81 23.85 -18.48
CA LEU C 67 5.48 22.80 -17.75
C LEU C 67 5.47 21.46 -18.49
N SER C 68 4.90 21.48 -19.69
CA SER C 68 4.85 20.28 -20.53
C SER C 68 6.28 19.97 -21.01
N ASN C 69 6.60 18.71 -21.20
CA ASN C 69 7.95 18.33 -21.63
C ASN C 69 8.24 18.59 -23.10
N VAL C 70 8.30 19.86 -23.47
CA VAL C 70 8.58 20.27 -24.85
C VAL C 70 9.43 21.52 -24.80
N ALA C 71 10.28 21.73 -25.80
CA ALA C 71 11.12 22.91 -25.85
C ALA C 71 10.32 24.08 -26.40
N THR C 72 10.73 25.29 -26.03
CA THR C 72 10.09 26.51 -26.48
C THR C 72 11.13 27.39 -27.17
N ALA C 73 10.67 28.50 -27.75
CA ALA C 73 11.57 29.45 -28.43
C ALA C 73 11.98 30.51 -27.39
N SER C 74 13.22 30.98 -27.48
CA SER C 74 13.76 31.99 -26.55
C SER C 74 12.93 33.28 -26.61
N SER C 81 19.31 31.98 -27.44
CA SER C 81 19.41 31.61 -28.85
C SER C 81 18.62 30.32 -29.16
N VAL C 82 19.06 29.22 -28.56
CA VAL C 82 18.45 27.90 -28.72
C VAL C 82 17.10 27.72 -28.02
N PRO C 83 16.32 26.71 -28.45
CA PRO C 83 15.01 26.47 -27.82
C PRO C 83 15.21 26.16 -26.33
N VAL C 84 14.27 26.63 -25.51
CA VAL C 84 14.33 26.43 -24.06
C VAL C 84 13.74 25.08 -23.63
N THR C 85 14.55 24.29 -22.92
CA THR C 85 14.09 22.99 -22.45
C THR C 85 13.17 23.16 -21.25
N LEU C 86 12.44 22.10 -20.90
CA LEU C 86 11.55 22.14 -19.75
C LEU C 86 12.35 22.47 -18.50
N PHE C 87 13.54 21.89 -18.38
CA PHE C 87 14.37 22.14 -17.21
C PHE C 87 14.70 23.62 -17.09
N SER C 88 15.16 24.22 -18.18
CA SER C 88 15.48 25.65 -18.15
C SER C 88 14.30 26.39 -17.54
N ARG C 89 13.13 26.28 -18.16
CA ARG C 89 11.95 26.96 -17.66
C ARG C 89 11.73 26.71 -16.16
N CYS C 90 11.90 25.47 -15.73
CA CYS C 90 11.71 25.15 -14.32
C CYS C 90 12.70 25.90 -13.43
N SER C 91 13.96 26.00 -13.85
CA SER C 91 14.96 26.74 -13.06
C SER C 91 14.57 28.21 -12.98
N ALA C 92 14.08 28.74 -14.11
CA ALA C 92 13.66 30.13 -14.22
C ALA C 92 12.51 30.42 -13.26
N LEU C 93 11.74 29.38 -12.93
CA LEU C 93 10.63 29.56 -12.01
C LEU C 93 11.17 29.78 -10.60
N VAL C 94 12.18 28.99 -10.21
CA VAL C 94 12.74 29.17 -8.90
C VAL C 94 13.56 30.47 -8.92
N ASP C 95 14.37 30.65 -9.97
CA ASP C 95 15.18 31.86 -10.10
C ASP C 95 14.30 33.07 -9.84
N ALA C 96 13.15 33.10 -10.49
CA ALA C 96 12.20 34.19 -10.31
C ALA C 96 11.98 34.50 -8.84
N CYS C 97 11.84 33.48 -8.02
CA CYS C 97 11.61 33.71 -6.60
C CYS C 97 12.77 34.35 -5.88
N TYR C 98 13.97 33.81 -6.09
CA TYR C 98 15.15 34.36 -5.44
C TYR C 98 15.46 35.74 -6.02
N MET C 99 15.34 35.86 -7.32
CA MET C 99 15.60 37.12 -7.99
C MET C 99 14.56 38.18 -7.65
N HIS C 100 13.76 37.97 -6.62
CA HIS C 100 12.76 38.97 -6.28
C HIS C 100 12.59 39.14 -4.78
N TRP C 101 12.82 38.05 -4.05
CA TRP C 101 12.70 38.07 -2.60
C TRP C 101 13.90 37.42 -1.94
N GLY C 102 14.78 36.84 -2.76
CA GLY C 102 15.95 36.19 -2.22
C GLY C 102 15.65 34.94 -1.43
N ARG C 103 14.52 34.28 -1.73
CA ARG C 103 14.17 33.07 -1.00
C ARG C 103 12.98 32.29 -1.58
N CYS C 104 13.00 30.98 -1.39
CA CYS C 104 11.91 30.13 -1.85
C CYS C 104 11.74 29.04 -0.81
N ASP C 105 10.80 29.25 0.11
CA ASP C 105 10.56 28.33 1.22
C ASP C 105 9.61 27.17 0.98
N VAL C 106 8.57 27.41 0.18
CA VAL C 106 7.55 26.42 -0.12
C VAL C 106 7.28 26.29 -1.61
N LEU C 107 7.10 25.04 -2.05
CA LEU C 107 6.82 24.73 -3.45
C LEU C 107 5.63 23.78 -3.49
N VAL C 108 4.62 24.17 -4.24
CA VAL C 108 3.42 23.37 -4.37
C VAL C 108 3.25 23.01 -5.84
N ASN C 109 3.49 21.74 -6.15
CA ASN C 109 3.33 21.26 -7.51
C ASN C 109 1.87 20.93 -7.68
N ASN C 110 1.13 21.91 -8.19
CA ASN C 110 -0.30 21.81 -8.39
C ASN C 110 -0.70 21.71 -9.84
N ALA C 111 0.03 22.39 -10.72
CA ALA C 111 -0.26 22.39 -12.13
C ALA C 111 -0.37 20.97 -12.67
N SER C 112 -1.45 20.66 -13.38
CA SER C 112 -1.67 19.32 -13.92
C SER C 112 -2.66 19.17 -15.08
N SER C 113 -2.21 18.52 -16.16
CA SER C 113 -3.08 18.28 -17.31
C SER C 113 -3.84 16.98 -17.00
N PHE C 114 -5.07 16.88 -17.48
CA PHE C 114 -5.88 15.70 -17.17
C PHE C 114 -6.93 15.34 -18.22
N TYR C 115 -6.57 14.40 -19.10
CA TYR C 115 -7.47 13.96 -20.13
C TYR C 115 -7.16 12.54 -20.58
N PRO C 116 -8.16 11.84 -21.14
CA PRO C 116 -8.06 10.45 -21.62
C PRO C 116 -6.91 10.18 -22.56
N THR C 117 -6.37 8.97 -22.45
CA THR C 117 -5.27 8.48 -23.26
C THR C 117 -5.57 6.99 -23.36
N PRO C 118 -6.72 6.65 -23.95
CA PRO C 118 -7.20 5.28 -24.13
C PRO C 118 -6.23 4.45 -24.94
N LEU C 119 -5.95 3.25 -24.44
CA LEU C 119 -5.04 2.33 -25.09
C LEU C 119 -5.53 2.02 -26.51
N LEU C 120 -6.82 1.71 -26.62
CA LEU C 120 -7.41 1.33 -27.89
C LEU C 120 -8.07 2.40 -28.77
N ARG C 121 -7.52 2.53 -29.99
CA ARG C 121 -7.92 3.42 -31.09
C ARG C 121 -9.13 4.38 -31.10
N LYS C 122 -10.35 3.83 -31.14
CA LYS C 122 -11.58 4.64 -31.21
C LYS C 122 -11.37 6.15 -31.41
N LYS C 134 -0.66 9.00 -34.40
CA LYS C 134 0.48 9.22 -33.48
C LYS C 134 0.63 10.55 -32.78
N GLU C 135 0.91 11.61 -33.54
CA GLU C 135 1.17 12.90 -32.94
C GLU C 135 0.12 13.27 -31.88
N SER C 136 -1.00 12.57 -31.86
CA SER C 136 -2.04 12.88 -30.87
C SER C 136 -1.64 12.34 -29.50
N LEU C 137 -0.80 11.31 -29.52
CA LEU C 137 -0.32 10.67 -28.32
C LEU C 137 0.95 11.33 -27.84
N GLU C 138 1.91 11.45 -28.74
CA GLU C 138 3.20 12.04 -28.45
C GLU C 138 3.08 13.40 -27.77
N VAL C 139 2.11 14.21 -28.20
CA VAL C 139 1.90 15.51 -27.58
C VAL C 139 1.29 15.28 -26.20
N ALA C 140 0.32 14.38 -26.12
CA ALA C 140 -0.35 14.06 -24.86
C ALA C 140 0.64 13.51 -23.83
N ALA C 141 1.49 12.60 -24.29
CA ALA C 141 2.48 11.99 -23.43
C ALA C 141 3.34 13.05 -22.79
N ALA C 142 3.81 13.99 -23.60
CA ALA C 142 4.67 15.06 -23.10
C ALA C 142 3.91 16.01 -22.17
N ASP C 143 2.73 16.42 -22.58
CA ASP C 143 1.96 17.33 -21.76
C ASP C 143 1.63 16.68 -20.42
N LEU C 144 0.99 15.51 -20.46
CA LEU C 144 0.63 14.83 -19.23
C LEU C 144 1.85 14.58 -18.35
N PHE C 145 2.75 13.70 -18.79
CA PHE C 145 3.95 13.42 -18.01
C PHE C 145 4.76 14.65 -17.64
N GLY C 146 4.92 15.55 -18.60
CA GLY C 146 5.67 16.75 -18.29
C GLY C 146 5.15 17.45 -17.06
N SER C 147 3.95 18.02 -17.17
CA SER C 147 3.35 18.75 -16.07
C SER C 147 3.22 17.99 -14.74
N ASN C 148 2.70 16.78 -14.82
CA ASN C 148 2.45 15.95 -13.65
C ASN C 148 3.64 15.28 -12.98
N ALA C 149 4.74 15.08 -13.70
CA ALA C 149 5.90 14.41 -13.12
C ALA C 149 7.30 14.95 -13.44
N ILE C 150 7.62 15.11 -14.71
CA ILE C 150 8.94 15.60 -15.10
C ILE C 150 9.23 17.03 -14.62
N ALA C 151 8.29 17.94 -14.82
CA ALA C 151 8.50 19.30 -14.35
C ALA C 151 8.66 19.26 -12.82
N PRO C 152 7.73 18.63 -12.10
CA PRO C 152 7.89 18.58 -10.63
C PRO C 152 9.30 18.10 -10.21
N TYR C 153 9.83 17.10 -10.92
CA TYR C 153 11.17 16.61 -10.59
C TYR C 153 12.16 17.77 -10.73
N PHE C 154 12.04 18.52 -11.83
CA PHE C 154 12.93 19.62 -12.06
C PHE C 154 12.72 20.77 -11.07
N LEU C 155 11.48 21.19 -10.87
CA LEU C 155 11.23 22.28 -9.93
C LEU C 155 11.79 21.92 -8.56
N ILE C 156 11.63 20.66 -8.15
CA ILE C 156 12.14 20.26 -6.85
C ILE C 156 13.65 20.35 -6.85
N LYS C 157 14.26 19.98 -7.96
CA LYS C 157 15.71 20.02 -8.07
C LYS C 157 16.23 21.47 -7.95
N ALA C 158 15.63 22.37 -8.70
CA ALA C 158 16.03 23.77 -8.67
C ALA C 158 15.83 24.29 -7.24
N PHE C 159 14.70 23.92 -6.66
CA PHE C 159 14.38 24.34 -5.31
C PHE C 159 15.39 23.81 -4.30
N ALA C 160 15.80 22.56 -4.46
CA ALA C 160 16.75 21.97 -3.54
C ALA C 160 18.15 22.57 -3.66
N GLN C 161 18.65 22.72 -4.89
CA GLN C 161 19.98 23.28 -5.10
C GLN C 161 20.12 24.66 -4.45
N ARG C 162 19.10 25.51 -4.56
CA ARG C 162 19.21 26.85 -3.98
C ARG C 162 19.49 26.77 -2.49
N VAL C 163 18.75 25.91 -1.79
CA VAL C 163 18.94 25.73 -0.36
C VAL C 163 20.37 25.21 -0.09
N ALA C 164 20.84 24.31 -0.95
CA ALA C 164 22.18 23.74 -0.83
C ALA C 164 23.22 24.82 -1.04
N ASP C 165 22.99 25.69 -2.02
CA ASP C 165 23.90 26.79 -2.31
C ASP C 165 23.53 27.98 -1.45
N THR C 166 23.07 27.71 -0.24
CA THR C 166 22.73 28.76 0.70
C THR C 166 23.42 28.35 1.98
N ARG C 167 24.21 29.26 2.55
CA ARG C 167 24.92 28.96 3.77
C ARG C 167 24.00 28.55 4.90
N ALA C 168 24.33 27.43 5.54
CA ALA C 168 23.57 26.88 6.65
C ALA C 168 22.82 27.90 7.52
N GLU C 169 23.42 29.07 7.71
CA GLU C 169 22.83 30.12 8.54
C GLU C 169 21.86 31.02 7.83
N GLN C 170 21.94 31.10 6.51
CA GLN C 170 21.03 31.94 5.77
C GLN C 170 19.84 31.14 5.27
N ARG C 171 19.75 29.89 5.72
CA ARG C 171 18.66 29.00 5.32
C ARG C 171 17.45 29.19 6.23
N GLY C 172 16.26 29.01 5.66
CA GLY C 172 15.03 29.14 6.44
C GLY C 172 14.83 27.97 7.38
N THR C 173 13.88 28.13 8.30
CA THR C 173 13.61 27.10 9.29
C THR C 173 12.37 26.26 8.95
N SER C 174 12.08 26.09 7.67
CA SER C 174 10.89 25.33 7.32
C SER C 174 10.67 25.17 5.85
N TYR C 175 11.51 24.35 5.22
CA TYR C 175 11.37 24.10 3.80
C TYR C 175 10.30 23.02 3.64
N SER C 176 9.28 23.34 2.84
CA SER C 176 8.18 22.41 2.63
C SER C 176 7.70 22.31 1.20
N ILE C 177 7.95 21.17 0.58
CA ILE C 177 7.50 20.93 -0.78
C ILE C 177 6.22 20.07 -0.69
N VAL C 178 5.23 20.43 -1.48
CA VAL C 178 3.96 19.70 -1.48
C VAL C 178 3.49 19.40 -2.90
N ASN C 179 3.33 18.12 -3.18
CA ASN C 179 2.88 17.70 -4.49
C ASN C 179 1.41 17.30 -4.46
N MET C 180 0.64 17.79 -5.40
CA MET C 180 -0.77 17.43 -5.49
C MET C 180 -0.87 16.14 -6.31
N VAL C 181 -1.23 15.05 -5.64
CA VAL C 181 -1.35 13.74 -6.29
C VAL C 181 -2.80 13.34 -6.55
N ASP C 182 -3.13 12.07 -6.37
CA ASP C 182 -4.49 11.63 -6.66
C ASP C 182 -4.79 10.38 -5.84
N ALA C 183 -5.78 10.48 -4.96
CA ALA C 183 -6.18 9.37 -4.10
C ALA C 183 -6.86 8.21 -4.83
N MET C 184 -7.27 8.44 -6.07
CA MET C 184 -7.94 7.41 -6.84
C MET C 184 -7.07 6.72 -7.90
N THR C 185 -5.79 6.53 -7.64
CA THR C 185 -4.92 5.89 -8.64
C THR C 185 -4.74 4.38 -8.46
N SER C 186 -5.16 3.85 -7.31
CA SER C 186 -5.07 2.42 -7.06
C SER C 186 -6.23 1.78 -7.80
N GLN C 187 -7.21 2.62 -8.15
CA GLN C 187 -8.40 2.21 -8.86
C GLN C 187 -8.40 3.18 -10.04
N PRO C 188 -7.53 2.92 -11.01
CA PRO C 188 -7.37 3.75 -12.20
C PRO C 188 -8.65 4.13 -12.88
N LEU C 189 -8.77 5.42 -13.20
CA LEU C 189 -9.94 5.93 -13.89
C LEU C 189 -9.81 5.36 -15.29
N LEU C 190 -10.75 4.53 -15.69
CA LEU C 190 -10.71 3.88 -17.00
C LEU C 190 -10.44 4.86 -18.14
N GLY C 191 -9.42 4.57 -18.94
CA GLY C 191 -9.08 5.41 -20.06
C GLY C 191 -8.00 6.45 -19.84
N TYR C 192 -7.65 6.68 -18.58
CA TYR C 192 -6.64 7.67 -18.24
C TYR C 192 -5.30 7.07 -17.82
N THR C 193 -4.74 6.19 -18.65
CA THR C 193 -3.49 5.55 -18.30
C THR C 193 -2.30 6.48 -18.16
N MET C 194 -2.05 7.31 -19.17
CA MET C 194 -0.92 8.22 -19.10
C MET C 194 -1.00 9.07 -17.83
N TYR C 195 -2.17 9.63 -17.57
CA TYR C 195 -2.39 10.45 -16.38
C TYR C 195 -2.02 9.65 -15.13
N THR C 196 -2.67 8.51 -14.94
CA THR C 196 -2.40 7.66 -13.78
C THR C 196 -0.92 7.32 -13.58
N MET C 197 -0.19 7.06 -14.66
CA MET C 197 1.24 6.74 -14.55
C MET C 197 1.99 7.96 -14.03
N ALA C 198 1.67 9.12 -14.59
CA ALA C 198 2.32 10.36 -14.19
C ALA C 198 2.14 10.64 -12.72
N LYS C 199 0.97 10.34 -12.18
CA LYS C 199 0.71 10.59 -10.76
C LYS C 199 1.50 9.64 -9.89
N GLU C 200 1.55 8.38 -10.30
CA GLU C 200 2.29 7.36 -9.58
C GLU C 200 3.74 7.78 -9.55
N ALA C 201 4.17 8.40 -10.64
CA ALA C 201 5.54 8.88 -10.78
C ALA C 201 5.75 10.01 -9.78
N LEU C 202 4.80 10.93 -9.71
CA LEU C 202 4.87 12.05 -8.79
C LEU C 202 4.88 11.53 -7.36
N GLU C 203 4.27 10.37 -7.16
CA GLU C 203 4.20 9.76 -5.85
C GLU C 203 5.58 9.21 -5.52
N GLY C 204 6.23 8.59 -6.50
CA GLY C 204 7.56 8.07 -6.27
C GLY C 204 8.48 9.24 -5.97
N LEU C 205 8.28 10.32 -6.70
CA LEU C 205 9.06 11.53 -6.53
C LEU C 205 9.01 11.98 -5.08
N THR C 206 7.81 11.98 -4.53
CA THR C 206 7.60 12.38 -3.16
C THR C 206 8.44 11.54 -2.19
N ARG C 207 8.30 10.22 -2.26
CA ARG C 207 9.05 9.32 -1.38
C ARG C 207 10.57 9.49 -1.56
N SER C 208 11.03 9.46 -2.81
CA SER C 208 12.46 9.61 -3.13
C SER C 208 13.03 10.97 -2.70
N ALA C 209 12.39 12.05 -3.12
CA ALA C 209 12.87 13.38 -2.77
C ALA C 209 12.91 13.60 -1.27
N ALA C 210 11.93 13.03 -0.57
CA ALA C 210 11.85 13.16 0.87
C ALA C 210 13.08 12.53 1.52
N LEU C 211 13.43 11.33 1.07
CA LEU C 211 14.57 10.61 1.60
C LEU C 211 15.90 11.32 1.34
N GLU C 212 16.06 11.81 0.12
CA GLU C 212 17.28 12.48 -0.31
C GLU C 212 17.38 13.95 0.06
N LEU C 213 16.31 14.52 0.59
CA LEU C 213 16.39 15.94 0.94
C LEU C 213 16.20 16.19 2.42
N ALA C 214 16.13 15.12 3.20
CA ALA C 214 15.95 15.23 4.63
C ALA C 214 17.21 15.83 5.27
N SER C 215 18.35 15.64 4.59
CA SER C 215 19.63 16.16 5.06
C SER C 215 19.63 17.68 5.01
N LEU C 216 18.89 18.24 4.05
CA LEU C 216 18.76 19.68 3.91
C LEU C 216 17.52 20.17 4.66
N GLN C 217 16.91 19.27 5.43
CA GLN C 217 15.71 19.63 6.19
C GLN C 217 14.56 20.12 5.30
N ILE C 218 14.47 19.56 4.09
CA ILE C 218 13.39 19.92 3.16
C ILE C 218 12.38 18.79 3.19
N ARG C 219 11.20 19.09 3.72
CA ARG C 219 10.16 18.10 3.83
C ARG C 219 9.41 18.03 2.53
N VAL C 220 9.07 16.82 2.11
CA VAL C 220 8.37 16.58 0.85
C VAL C 220 7.15 15.68 1.08
N ASN C 221 5.98 16.20 0.81
CA ASN C 221 4.76 15.44 1.02
C ASN C 221 3.74 15.65 -0.08
N GLY C 222 2.78 14.74 -0.16
CA GLY C 222 1.75 14.86 -1.15
C GLY C 222 0.37 15.00 -0.53
N VAL C 223 -0.52 15.67 -1.24
CA VAL C 223 -1.91 15.86 -0.83
C VAL C 223 -2.72 15.11 -1.89
N SER C 224 -3.53 14.15 -1.46
CA SER C 224 -4.31 13.35 -2.39
C SER C 224 -5.79 13.65 -2.34
N PRO C 225 -6.29 14.50 -3.27
CA PRO C 225 -7.72 14.83 -3.30
C PRO C 225 -8.52 13.67 -3.90
N GLY C 226 -9.80 13.59 -3.56
CA GLY C 226 -10.65 12.55 -4.13
C GLY C 226 -11.51 13.24 -5.16
N LEU C 227 -12.45 14.03 -4.68
CA LEU C 227 -13.32 14.81 -5.53
C LEU C 227 -13.39 16.25 -5.01
N SER C 228 -12.69 17.17 -5.66
CA SER C 228 -12.75 18.58 -5.27
C SER C 228 -13.34 19.33 -6.44
N VAL C 229 -13.51 20.64 -6.30
CA VAL C 229 -14.07 21.45 -7.38
C VAL C 229 -14.03 20.66 -8.69
N LEU C 230 -15.10 19.94 -8.97
CA LEU C 230 -15.20 19.14 -10.18
C LEU C 230 -14.88 19.99 -11.42
N PRO C 231 -14.30 19.36 -12.45
CA PRO C 231 -13.94 20.08 -13.68
C PRO C 231 -15.22 20.65 -14.22
N ASP C 232 -15.23 21.96 -14.47
CA ASP C 232 -16.44 22.57 -14.96
C ASP C 232 -16.98 22.00 -16.27
N ASP C 233 -17.95 22.69 -16.86
CA ASP C 233 -18.60 22.27 -18.09
C ASP C 233 -19.06 20.81 -18.01
N MET C 234 -19.05 20.29 -16.79
CA MET C 234 -19.50 18.94 -16.50
C MET C 234 -20.93 19.17 -16.02
N PRO C 235 -21.93 18.73 -16.79
CA PRO C 235 -23.34 18.88 -16.45
C PRO C 235 -23.66 18.68 -14.97
N PHE C 236 -24.64 19.43 -14.47
CA PHE C 236 -25.04 19.30 -13.07
C PHE C 236 -25.29 17.84 -12.74
N SER C 237 -26.03 17.15 -13.60
CA SER C 237 -26.36 15.75 -13.39
C SER C 237 -25.12 14.84 -13.27
N VAL C 238 -24.07 15.17 -14.03
CA VAL C 238 -22.83 14.38 -13.98
C VAL C 238 -22.16 14.62 -12.63
N GLN C 239 -22.08 15.88 -12.23
CA GLN C 239 -21.47 16.25 -10.96
C GLN C 239 -22.23 15.65 -9.80
N GLU C 240 -23.54 15.81 -9.79
CA GLU C 240 -24.38 15.27 -8.73
C GLU C 240 -24.27 13.75 -8.60
N ASP C 241 -24.15 13.04 -9.72
CA ASP C 241 -24.05 11.59 -9.67
C ASP C 241 -22.66 11.09 -9.27
N TYR C 242 -21.71 12.01 -9.20
CA TYR C 242 -20.35 11.72 -8.77
C TYR C 242 -20.33 11.88 -7.26
N ARG C 243 -20.87 13.00 -6.79
CA ARG C 243 -20.94 13.32 -5.37
C ARG C 243 -21.69 12.27 -4.56
N ARG C 244 -22.83 11.84 -5.07
CA ARG C 244 -23.63 10.83 -4.37
C ARG C 244 -22.81 9.59 -4.04
N LYS C 245 -21.63 9.46 -4.67
CA LYS C 245 -20.75 8.31 -4.43
C LYS C 245 -19.78 8.47 -3.25
N VAL C 246 -19.58 9.71 -2.81
CA VAL C 246 -18.67 10.01 -1.71
C VAL C 246 -19.27 9.73 -0.34
N PRO C 247 -18.80 8.69 0.36
CA PRO C 247 -19.27 8.29 1.69
C PRO C 247 -19.58 9.42 2.68
N LEU C 248 -18.65 10.35 2.85
CA LEU C 248 -18.86 11.44 3.79
C LEU C 248 -19.51 12.67 3.15
N TYR C 249 -20.68 13.06 3.65
CA TYR C 249 -21.40 14.23 3.14
C TYR C 249 -21.95 14.08 1.71
N GLN C 250 -21.68 12.94 1.08
CA GLN C 250 -22.13 12.69 -0.29
C GLN C 250 -21.95 13.89 -1.19
N ARG C 251 -20.80 14.55 -1.04
CA ARG C 251 -20.45 15.74 -1.83
C ARG C 251 -18.95 15.77 -2.05
N ASN C 252 -18.52 16.51 -3.06
CA ASN C 252 -17.10 16.64 -3.33
C ASN C 252 -16.63 17.69 -2.33
N SER C 253 -15.32 17.81 -2.15
CA SER C 253 -14.80 18.79 -1.21
C SER C 253 -14.67 20.17 -1.85
N SER C 254 -14.54 21.18 -1.01
CA SER C 254 -14.37 22.54 -1.49
C SER C 254 -12.88 22.70 -1.70
N ALA C 255 -12.45 23.79 -2.33
CA ALA C 255 -11.01 24.00 -2.54
C ALA C 255 -10.35 24.31 -1.21
N GLU C 256 -11.11 24.91 -0.30
CA GLU C 256 -10.59 25.23 1.01
C GLU C 256 -10.21 23.96 1.79
N GLU C 257 -11.04 22.92 1.68
CA GLU C 257 -10.78 21.68 2.40
C GLU C 257 -9.49 21.02 1.89
N VAL C 258 -9.06 21.41 0.71
CA VAL C 258 -7.84 20.84 0.16
C VAL C 258 -6.66 21.71 0.61
N SER C 259 -6.75 23.01 0.34
CA SER C 259 -5.68 23.94 0.70
C SER C 259 -5.40 23.91 2.21
N ASP C 260 -6.42 23.58 3.00
CA ASP C 260 -6.25 23.50 4.45
C ASP C 260 -5.22 22.44 4.78
N VAL C 261 -5.15 21.41 3.95
CA VAL C 261 -4.20 20.33 4.17
C VAL C 261 -2.81 20.77 3.75
N VAL C 262 -2.73 21.66 2.78
CA VAL C 262 -1.44 22.15 2.32
C VAL C 262 -0.87 23.08 3.38
N ILE C 263 -1.69 24.00 3.85
CA ILE C 263 -1.25 24.95 4.86
C ILE C 263 -0.80 24.25 6.13
N PHE C 264 -1.30 23.04 6.35
CA PHE C 264 -0.94 22.28 7.53
C PHE C 264 0.43 21.68 7.33
N LEU C 265 0.64 21.08 6.16
CA LEU C 265 1.90 20.45 5.85
C LEU C 265 3.05 21.45 5.86
N CYS C 266 2.75 22.71 5.55
CA CYS C 266 3.75 23.77 5.54
C CYS C 266 3.91 24.46 6.91
N SER C 267 3.04 24.13 7.85
CA SER C 267 3.08 24.72 9.18
C SER C 267 4.07 23.94 10.02
N PRO C 268 4.53 24.52 11.14
CA PRO C 268 5.47 23.79 11.98
C PRO C 268 4.75 22.71 12.76
N LYS C 269 3.44 22.61 12.54
CA LYS C 269 2.62 21.58 13.20
C LYS C 269 2.87 20.24 12.50
N ALA C 270 3.59 20.27 11.38
CA ALA C 270 3.89 19.06 10.62
C ALA C 270 5.37 18.95 10.34
N LYS C 271 6.16 19.73 11.05
CA LYS C 271 7.61 19.77 10.87
C LYS C 271 8.32 18.42 10.90
N TYR C 272 7.67 17.38 11.41
CA TYR C 272 8.33 16.10 11.46
C TYR C 272 7.79 15.18 10.40
N ILE C 273 6.82 15.68 9.63
CA ILE C 273 6.19 14.88 8.59
C ILE C 273 6.79 15.05 7.22
N THR C 274 7.28 13.96 6.65
CA THR C 274 7.84 14.00 5.32
C THR C 274 7.70 12.65 4.65
N GLY C 275 7.55 12.68 3.33
CA GLY C 275 7.42 11.45 2.55
C GLY C 275 6.08 10.75 2.68
N THR C 276 5.06 11.50 3.02
CA THR C 276 3.76 10.90 3.20
C THR C 276 2.71 11.59 2.34
N CYS C 277 1.57 10.93 2.16
CA CYS C 277 0.47 11.49 1.38
C CYS C 277 -0.81 11.51 2.21
N ILE C 278 -1.40 12.69 2.35
CA ILE C 278 -2.63 12.79 3.09
C ILE C 278 -3.81 12.79 2.12
N LYS C 279 -4.80 11.94 2.38
CA LYS C 279 -5.99 11.89 1.54
C LYS C 279 -7.00 12.93 2.01
N VAL C 280 -7.79 13.42 1.07
CA VAL C 280 -8.83 14.41 1.34
C VAL C 280 -9.87 13.93 0.35
N ASP C 281 -10.31 12.70 0.52
CA ASP C 281 -11.27 12.10 -0.39
C ASP C 281 -12.66 11.84 0.19
N GLY C 282 -12.76 11.87 1.51
CA GLY C 282 -14.03 11.64 2.17
C GLY C 282 -14.34 10.16 2.22
N GLY C 283 -13.31 9.34 2.04
CA GLY C 283 -13.49 7.90 2.06
C GLY C 283 -13.80 7.29 0.70
N TYR C 284 -13.94 8.13 -0.31
CA TYR C 284 -14.26 7.66 -1.65
C TYR C 284 -13.32 6.55 -2.13
N SER C 285 -12.12 6.50 -1.58
CA SER C 285 -11.17 5.47 -2.00
C SER C 285 -11.39 4.20 -1.21
N LEU C 286 -12.31 4.26 -0.26
CA LEU C 286 -12.63 3.12 0.58
C LEU C 286 -13.72 2.26 -0.07
N THR C 287 -14.41 2.84 -1.04
CA THR C 287 -15.49 2.13 -1.72
C THR C 287 -15.03 1.09 -2.76
N ARG C 288 -15.99 0.29 -3.22
CA ARG C 288 -15.73 -0.73 -4.23
C ARG C 288 -16.92 -0.71 -5.20
N ALA C 289 -16.74 -1.24 -6.40
CA ALA C 289 -17.85 -1.26 -7.36
C ALA C 289 -18.86 -2.34 -6.97
N THR D 6 10.51 -40.41 2.16
CA THR D 6 9.12 -40.18 2.67
C THR D 6 8.45 -38.98 2.00
N ALA D 7 7.18 -39.13 1.64
CA ALA D 7 6.40 -38.08 0.99
C ALA D 7 6.16 -36.85 1.88
N PRO D 8 6.06 -35.66 1.27
CA PRO D 8 5.82 -34.40 1.98
C PRO D 8 4.41 -34.36 2.56
N VAL D 9 4.30 -33.83 3.76
CA VAL D 9 3.01 -33.71 4.44
C VAL D 9 2.51 -32.27 4.42
N ALA D 10 1.20 -32.09 4.41
CA ALA D 10 0.63 -30.75 4.37
C ALA D 10 -0.70 -30.63 5.13
N LEU D 11 -0.75 -29.71 6.08
CA LEU D 11 -1.96 -29.46 6.88
C LEU D 11 -2.77 -28.31 6.27
N VAL D 12 -4.04 -28.56 6.01
CA VAL D 12 -4.91 -27.56 5.40
C VAL D 12 -6.18 -27.34 6.22
N THR D 13 -6.23 -26.25 6.98
CA THR D 13 -7.41 -25.97 7.80
C THR D 13 -8.62 -25.64 6.94
N GLY D 14 -9.78 -26.18 7.33
CA GLY D 14 -10.99 -25.93 6.57
C GLY D 14 -11.03 -26.69 5.27
N ALA D 15 -10.38 -27.85 5.23
CA ALA D 15 -10.31 -28.69 4.04
C ALA D 15 -11.63 -29.40 3.71
N ALA D 16 -12.62 -29.30 4.60
CA ALA D 16 -13.91 -29.95 4.38
C ALA D 16 -14.57 -29.70 3.01
N LYS D 17 -14.98 -28.47 2.75
CA LYS D 17 -15.65 -28.17 1.49
C LYS D 17 -14.96 -27.11 0.63
N ARG D 18 -15.70 -26.64 -0.36
CA ARG D 18 -15.27 -25.61 -1.31
C ARG D 18 -13.76 -25.47 -1.59
N LEU D 19 -13.22 -24.27 -1.39
CA LEU D 19 -11.80 -23.97 -1.64
C LEU D 19 -10.77 -24.81 -0.87
N GLY D 20 -10.93 -24.93 0.44
CA GLY D 20 -9.98 -25.71 1.22
C GLY D 20 -9.89 -27.13 0.70
N SER D 21 -11.04 -27.64 0.27
CA SER D 21 -11.14 -28.99 -0.28
C SER D 21 -10.28 -29.08 -1.53
N SER D 22 -10.36 -28.04 -2.35
CA SER D 22 -9.62 -27.92 -3.61
C SER D 22 -8.12 -27.81 -3.38
N ILE D 23 -7.71 -26.96 -2.45
CA ILE D 23 -6.32 -26.75 -2.15
C ILE D 23 -5.65 -28.05 -1.69
N ALA D 24 -6.41 -28.87 -0.97
CA ALA D 24 -5.92 -30.14 -0.46
C ALA D 24 -5.67 -31.14 -1.59
N GLU D 25 -6.69 -31.38 -2.40
CA GLU D 25 -6.56 -32.29 -3.53
C GLU D 25 -5.29 -31.94 -4.29
N ALA D 26 -5.21 -30.70 -4.74
CA ALA D 26 -4.07 -30.21 -5.47
C ALA D 26 -2.77 -30.66 -4.83
N LEU D 27 -2.61 -30.34 -3.56
CA LEU D 27 -1.41 -30.72 -2.83
C LEU D 27 -1.23 -32.23 -2.85
N HIS D 28 -2.34 -32.95 -2.75
CA HIS D 28 -2.33 -34.41 -2.77
C HIS D 28 -1.82 -34.85 -4.14
N ALA D 29 -2.45 -34.32 -5.19
CA ALA D 29 -2.10 -34.63 -6.57
C ALA D 29 -0.62 -34.34 -6.82
N GLU D 30 -0.09 -33.33 -6.15
CA GLU D 30 1.31 -32.99 -6.32
C GLU D 30 2.13 -34.02 -5.56
N GLY D 31 1.44 -34.90 -4.86
CA GLY D 31 2.12 -35.92 -4.08
C GLY D 31 2.42 -35.44 -2.69
N TYR D 32 1.36 -35.10 -1.95
CA TYR D 32 1.49 -34.64 -0.58
C TYR D 32 0.49 -35.44 0.23
N THR D 33 0.90 -35.89 1.41
CA THR D 33 -0.01 -36.63 2.28
C THR D 33 -0.72 -35.49 3.03
N VAL D 34 -2.04 -35.42 2.91
CA VAL D 34 -2.78 -34.34 3.52
C VAL D 34 -3.54 -34.59 4.81
N CYS D 35 -3.45 -33.60 5.70
CA CYS D 35 -4.11 -33.60 6.98
C CYS D 35 -5.31 -32.67 6.83
N LEU D 36 -6.43 -33.24 6.39
CA LEU D 36 -7.65 -32.48 6.16
C LEU D 36 -8.36 -32.03 7.45
N HIS D 37 -8.25 -30.73 7.77
CA HIS D 37 -8.88 -30.17 8.96
C HIS D 37 -10.29 -29.63 8.71
N TYR D 38 -11.14 -29.71 9.73
CA TYR D 38 -12.51 -29.22 9.61
C TYR D 38 -13.12 -28.88 10.97
N HIS D 39 -14.24 -28.16 10.94
CA HIS D 39 -14.91 -27.75 12.16
C HIS D 39 -16.27 -28.42 12.32
N ARG D 40 -17.24 -27.99 11.53
CA ARG D 40 -18.60 -28.53 11.58
C ARG D 40 -18.85 -29.66 10.57
N SER D 41 -18.52 -29.45 9.30
CA SER D 41 -18.74 -30.46 8.26
C SER D 41 -17.82 -31.67 8.40
N ALA D 42 -18.35 -32.72 9.00
CA ALA D 42 -17.59 -33.96 9.21
C ALA D 42 -17.87 -34.94 8.08
N ALA D 43 -18.98 -34.72 7.40
CA ALA D 43 -19.37 -35.58 6.30
C ALA D 43 -18.36 -35.44 5.17
N ASP D 44 -18.36 -34.25 4.55
CA ASP D 44 -17.48 -33.93 3.45
C ASP D 44 -16.01 -34.17 3.82
N ALA D 45 -15.65 -33.81 5.05
CA ALA D 45 -14.29 -33.99 5.54
C ALA D 45 -13.84 -35.44 5.44
N SER D 46 -14.80 -36.35 5.47
CA SER D 46 -14.50 -37.77 5.40
C SER D 46 -14.76 -38.29 4.01
N THR D 47 -15.87 -37.85 3.41
CA THR D 47 -16.19 -38.26 2.04
C THR D 47 -14.93 -38.05 1.20
N LEU D 48 -14.27 -36.93 1.43
CA LEU D 48 -13.05 -36.57 0.71
C LEU D 48 -11.93 -37.52 1.07
N ALA D 49 -11.56 -37.57 2.35
CA ALA D 49 -10.49 -38.46 2.81
C ALA D 49 -10.59 -39.84 2.17
N ALA D 50 -11.83 -40.29 1.96
CA ALA D 50 -12.08 -41.59 1.35
C ALA D 50 -11.42 -41.56 -0.04
N THR D 51 -12.02 -40.77 -0.93
CA THR D 51 -11.52 -40.61 -2.28
C THR D 51 -10.01 -40.45 -2.34
N LEU D 52 -9.46 -39.60 -1.47
CA LEU D 52 -8.02 -39.37 -1.43
C LEU D 52 -7.26 -40.66 -1.13
N ASN D 53 -7.61 -41.34 -0.03
CA ASN D 53 -6.96 -42.59 0.32
C ASN D 53 -7.16 -43.62 -0.79
N ALA D 54 -8.31 -43.52 -1.47
CA ALA D 54 -8.62 -44.42 -2.57
C ALA D 54 -7.54 -44.20 -3.64
N ARG D 55 -7.47 -42.98 -4.16
CA ARG D 55 -6.48 -42.64 -5.18
C ARG D 55 -5.07 -43.09 -4.76
N ARG D 56 -4.74 -42.91 -3.48
CA ARG D 56 -3.43 -43.32 -2.96
C ARG D 56 -3.61 -43.77 -1.51
N PRO D 57 -3.23 -45.03 -1.22
CA PRO D 57 -3.32 -45.61 0.12
C PRO D 57 -2.69 -44.74 1.21
N ASN D 58 -3.42 -44.53 2.30
CA ASN D 58 -2.96 -43.71 3.41
C ASN D 58 -2.29 -42.43 2.94
N SER D 59 -3.11 -41.44 2.59
CA SER D 59 -2.60 -40.15 2.13
C SER D 59 -3.49 -39.02 2.59
N ALA D 60 -4.39 -39.32 3.53
CA ALA D 60 -5.32 -38.32 4.02
C ALA D 60 -6.00 -38.66 5.34
N ILE D 61 -5.70 -37.89 6.39
CA ILE D 61 -6.32 -38.08 7.69
C ILE D 61 -7.32 -36.94 7.87
N THR D 62 -8.06 -36.94 8.98
CA THR D 62 -9.04 -35.87 9.23
C THR D 62 -9.11 -35.42 10.69
N VAL D 63 -8.38 -34.36 11.01
CA VAL D 63 -8.39 -33.81 12.36
C VAL D 63 -9.54 -32.81 12.49
N GLN D 64 -10.12 -32.73 13.68
CA GLN D 64 -11.25 -31.83 13.91
C GLN D 64 -10.94 -30.91 15.10
N ALA D 65 -11.29 -29.63 14.97
CA ALA D 65 -11.05 -28.66 16.03
C ALA D 65 -11.75 -27.31 15.82
N ASP D 66 -12.26 -26.76 16.91
CA ASP D 66 -12.92 -25.46 16.89
C ASP D 66 -11.79 -24.45 16.92
N LEU D 67 -11.59 -23.70 15.83
CA LEU D 67 -10.51 -22.73 15.81
C LEU D 67 -10.89 -21.36 16.33
N SER D 68 -12.12 -21.21 16.83
CA SER D 68 -12.53 -19.93 17.40
C SER D 68 -11.67 -19.74 18.63
N ASN D 69 -11.62 -18.51 19.14
CA ASN D 69 -10.79 -18.23 20.31
C ASN D 69 -11.55 -18.48 21.61
N VAL D 70 -11.82 -19.75 21.89
CA VAL D 70 -12.54 -20.15 23.10
C VAL D 70 -11.95 -21.45 23.66
N ALA D 71 -12.67 -22.07 24.60
CA ALA D 71 -12.20 -23.31 25.19
C ALA D 71 -13.26 -24.39 25.13
N THR D 72 -12.85 -25.60 24.76
CA THR D 72 -13.74 -26.75 24.67
C THR D 72 -13.38 -27.69 25.81
N ALA D 73 -14.36 -28.40 26.35
CA ALA D 73 -14.12 -29.34 27.45
C ALA D 73 -13.14 -30.45 27.05
N SER D 74 -12.27 -30.86 27.98
CA SER D 74 -11.28 -31.90 27.72
C SER D 74 -11.86 -33.17 27.07
N SER D 81 -8.84 -32.53 32.88
CA SER D 81 -10.06 -31.94 33.42
C SER D 81 -10.24 -30.48 33.00
N VAL D 82 -9.15 -29.71 33.05
CA VAL D 82 -9.18 -28.30 32.68
C VAL D 82 -9.51 -28.15 31.20
N PRO D 83 -10.28 -27.10 30.84
CA PRO D 83 -10.63 -26.89 29.43
C PRO D 83 -9.40 -26.64 28.57
N VAL D 84 -9.54 -26.91 27.28
CA VAL D 84 -8.44 -26.75 26.33
C VAL D 84 -8.55 -25.41 25.59
N THR D 85 -7.50 -24.59 25.71
CA THR D 85 -7.48 -23.29 25.05
C THR D 85 -7.42 -23.44 23.54
N LEU D 86 -7.38 -22.32 22.82
CA LEU D 86 -7.31 -22.37 21.36
C LEU D 86 -5.87 -22.78 21.00
N PHE D 87 -4.91 -22.25 21.73
CA PHE D 87 -3.50 -22.55 21.52
C PHE D 87 -3.34 -24.06 21.49
N SER D 88 -3.82 -24.69 22.55
CA SER D 88 -3.73 -26.13 22.71
C SER D 88 -4.25 -26.86 21.48
N ARG D 89 -5.52 -26.66 21.16
CA ARG D 89 -6.12 -27.32 20.00
C ARG D 89 -5.26 -27.19 18.75
N CYS D 90 -4.72 -25.99 18.52
CA CYS D 90 -3.88 -25.75 17.36
C CYS D 90 -2.62 -26.58 17.46
N SER D 91 -1.89 -26.40 18.54
CA SER D 91 -0.65 -27.15 18.73
C SER D 91 -0.87 -28.65 18.62
N ALA D 92 -2.13 -29.08 18.59
CA ALA D 92 -2.47 -30.50 18.48
C ALA D 92 -2.55 -30.96 17.03
N LEU D 93 -2.85 -30.04 16.12
CA LEU D 93 -2.96 -30.38 14.70
C LEU D 93 -1.56 -30.65 14.16
N VAL D 94 -0.71 -29.64 14.24
CA VAL D 94 0.67 -29.76 13.77
C VAL D 94 1.20 -31.04 14.41
N ASP D 95 0.80 -31.22 15.66
CA ASP D 95 1.18 -32.36 16.47
C ASP D 95 0.56 -33.67 15.99
N ALA D 96 -0.60 -33.58 15.34
CA ALA D 96 -1.29 -34.76 14.84
C ALA D 96 -0.68 -35.21 13.51
N CYS D 97 0.39 -34.54 13.11
CA CYS D 97 1.07 -34.89 11.87
C CYS D 97 2.36 -35.64 12.18
N TYR D 98 3.25 -35.00 12.94
CA TYR D 98 4.50 -35.65 13.31
C TYR D 98 4.17 -36.96 13.99
N MET D 99 2.99 -37.01 14.60
CA MET D 99 2.50 -38.17 15.30
C MET D 99 2.27 -39.30 14.27
N HIS D 100 1.56 -38.98 13.20
CA HIS D 100 1.26 -39.96 12.17
C HIS D 100 2.31 -40.12 11.06
N TRP D 101 2.59 -39.04 10.33
CA TRP D 101 3.56 -39.07 9.23
C TRP D 101 4.98 -38.60 9.58
N GLY D 102 5.19 -38.20 10.83
CA GLY D 102 6.51 -37.74 11.24
C GLY D 102 7.02 -36.44 10.64
N ARG D 103 6.22 -35.85 9.75
CA ARG D 103 6.62 -34.59 9.10
C ARG D 103 5.41 -33.71 8.75
N CYS D 104 5.67 -32.41 8.63
CA CYS D 104 4.63 -31.44 8.27
C CYS D 104 5.38 -30.29 7.58
N ASP D 105 5.35 -30.30 6.26
CA ASP D 105 6.08 -29.30 5.47
C ASP D 105 5.27 -28.10 4.98
N VAL D 106 3.97 -28.30 4.79
CA VAL D 106 3.14 -27.21 4.30
C VAL D 106 1.88 -26.99 5.12
N LEU D 107 1.68 -25.74 5.53
CA LEU D 107 0.52 -25.33 6.31
C LEU D 107 -0.26 -24.32 5.47
N VAL D 108 -1.57 -24.46 5.43
CA VAL D 108 -2.40 -23.56 4.66
C VAL D 108 -3.57 -23.08 5.49
N ASN D 109 -3.39 -21.98 6.22
CA ASN D 109 -4.45 -21.44 7.04
C ASN D 109 -5.60 -20.97 6.15
N ASN D 110 -6.59 -21.83 5.97
CA ASN D 110 -7.74 -21.54 5.13
C ASN D 110 -9.00 -21.27 5.94
N ALA D 111 -9.24 -22.11 6.95
CA ALA D 111 -10.41 -22.01 7.82
C ALA D 111 -10.77 -20.55 8.08
N SER D 112 -12.04 -20.21 7.91
CA SER D 112 -12.43 -18.82 8.11
C SER D 112 -13.92 -18.56 8.31
N SER D 113 -14.22 -17.77 9.34
CA SER D 113 -15.62 -17.40 9.62
C SER D 113 -15.87 -16.08 8.89
N PHE D 114 -17.06 -15.90 8.35
CA PHE D 114 -17.36 -14.68 7.60
C PHE D 114 -18.81 -14.24 7.67
N TYR D 115 -19.07 -13.22 8.49
CA TYR D 115 -20.42 -12.67 8.62
C TYR D 115 -20.40 -11.28 9.29
N PRO D 116 -21.47 -10.50 9.10
CA PRO D 116 -21.61 -9.15 9.66
C PRO D 116 -21.25 -8.94 11.12
N THR D 117 -20.70 -7.77 11.39
CA THR D 117 -20.28 -7.32 12.73
C THR D 117 -20.47 -5.83 12.65
N PRO D 118 -21.71 -5.38 12.36
CA PRO D 118 -22.03 -3.96 12.24
C PRO D 118 -21.70 -3.14 13.48
N LEU D 119 -21.43 -1.85 13.24
CA LEU D 119 -21.11 -0.91 14.30
C LEU D 119 -22.40 -0.18 14.70
N LEU D 120 -23.36 -0.11 13.78
CA LEU D 120 -24.63 0.53 14.10
C LEU D 120 -25.77 -0.51 14.16
N ARG D 121 -27.02 -0.13 13.81
CA ARG D 121 -28.13 -1.09 13.92
C ARG D 121 -29.53 -0.95 13.23
N LYS D 122 -30.51 -1.55 13.90
CA LYS D 122 -31.97 -1.67 13.58
C LYS D 122 -32.45 -3.08 13.94
N ASP D 133 -27.94 -8.80 23.49
CA ASP D 133 -27.17 -9.47 22.49
C ASP D 133 -25.70 -9.21 22.65
N LYS D 134 -25.35 -8.68 23.83
CA LYS D 134 -23.98 -8.35 24.16
C LYS D 134 -23.14 -9.49 23.60
N GLU D 135 -23.43 -10.69 24.10
CA GLU D 135 -22.74 -11.91 23.73
C GLU D 135 -22.67 -12.36 22.29
N SER D 136 -23.70 -12.13 21.48
CA SER D 136 -23.62 -12.57 20.09
C SER D 136 -22.32 -12.03 19.49
N LEU D 137 -21.99 -10.80 19.88
CA LEU D 137 -20.80 -10.10 19.43
C LEU D 137 -19.52 -10.64 20.03
N GLU D 138 -19.43 -10.59 21.36
CA GLU D 138 -18.21 -11.06 22.00
C GLU D 138 -17.93 -12.54 21.76
N VAL D 139 -18.80 -13.19 21.01
CA VAL D 139 -18.60 -14.57 20.60
C VAL D 139 -18.22 -14.66 19.12
N ALA D 140 -18.64 -13.59 18.42
CA ALA D 140 -18.32 -13.46 17.01
C ALA D 140 -16.87 -13.03 16.99
N ALA D 141 -16.52 -12.14 17.93
CA ALA D 141 -15.17 -11.66 18.04
C ALA D 141 -14.23 -12.85 18.19
N ALA D 142 -14.56 -13.76 19.09
CA ALA D 142 -13.75 -14.95 19.30
C ALA D 142 -13.80 -15.83 18.07
N ASP D 143 -14.89 -15.72 17.33
CA ASP D 143 -15.08 -16.51 16.12
C ASP D 143 -14.25 -15.94 14.98
N LEU D 144 -14.68 -14.80 14.45
CA LEU D 144 -14.00 -14.14 13.35
C LEU D 144 -12.52 -13.96 13.61
N PHE D 145 -12.17 -13.44 14.78
CA PHE D 145 -10.77 -13.23 15.11
C PHE D 145 -9.95 -14.48 15.39
N GLY D 146 -10.62 -15.58 15.68
CA GLY D 146 -9.89 -16.81 15.94
C GLY D 146 -9.51 -17.49 14.64
N SER D 147 -10.53 -17.85 13.88
CA SER D 147 -10.35 -18.51 12.60
C SER D 147 -9.37 -17.75 11.70
N ASN D 148 -9.67 -16.48 11.44
CA ASN D 148 -8.85 -15.68 10.56
C ASN D 148 -7.50 -15.15 11.04
N ALA D 149 -7.27 -15.08 12.35
CA ALA D 149 -5.98 -14.55 12.81
C ALA D 149 -5.29 -15.19 14.00
N ILE D 150 -5.99 -15.32 15.12
CA ILE D 150 -5.38 -15.90 16.32
C ILE D 150 -4.96 -17.37 16.09
N ALA D 151 -5.85 -18.15 15.51
CA ALA D 151 -5.54 -19.55 15.23
C ALA D 151 -4.28 -19.64 14.34
N PRO D 152 -4.28 -18.94 13.18
CA PRO D 152 -3.11 -18.97 12.30
C PRO D 152 -1.82 -18.68 13.03
N TYR D 153 -1.85 -17.74 13.97
CA TYR D 153 -0.65 -17.41 14.72
C TYR D 153 -0.08 -18.64 15.42
N PHE D 154 -0.91 -19.31 16.22
CA PHE D 154 -0.46 -20.49 16.94
C PHE D 154 -0.06 -21.60 15.98
N LEU D 155 -0.93 -21.88 15.01
CA LEU D 155 -0.61 -22.91 14.03
C LEU D 155 0.78 -22.65 13.47
N ILE D 156 0.99 -21.44 12.96
CA ILE D 156 2.29 -21.08 12.41
C ILE D 156 3.38 -21.27 13.46
N LYS D 157 3.07 -20.99 14.71
CA LYS D 157 4.05 -21.11 15.79
C LYS D 157 4.40 -22.55 16.11
N ALA D 158 3.40 -23.42 16.15
CA ALA D 158 3.63 -24.83 16.43
C ALA D 158 4.47 -25.40 15.27
N PHE D 159 3.98 -25.18 14.06
CA PHE D 159 4.65 -25.63 12.85
C PHE D 159 6.11 -25.17 12.82
N ALA D 160 6.34 -23.92 13.18
CA ALA D 160 7.68 -23.38 13.20
C ALA D 160 8.57 -24.05 14.25
N GLN D 161 7.99 -24.41 15.39
CA GLN D 161 8.78 -25.06 16.45
C GLN D 161 9.19 -26.47 16.04
N ARG D 162 8.23 -27.28 15.63
CA ARG D 162 8.52 -28.65 15.22
C ARG D 162 9.70 -28.72 14.24
N VAL D 163 9.79 -27.74 13.35
CA VAL D 163 10.89 -27.69 12.39
C VAL D 163 12.15 -27.31 13.14
N ALA D 164 12.02 -26.32 14.02
CA ALA D 164 13.14 -25.85 14.81
C ALA D 164 13.74 -27.01 15.61
N ASP D 165 12.85 -27.76 16.27
CA ASP D 165 13.28 -28.91 17.06
C ASP D 165 13.98 -29.96 16.20
N THR D 166 13.34 -30.34 15.09
CA THR D 166 13.92 -31.30 14.16
C THR D 166 15.38 -30.93 13.91
N ARG D 167 16.28 -31.91 14.02
CA ARG D 167 17.70 -31.65 13.81
C ARG D 167 17.98 -31.10 12.42
N ALA D 168 19.02 -30.27 12.31
CA ALA D 168 19.40 -29.66 11.05
C ALA D 168 19.43 -30.70 9.93
N GLU D 169 20.35 -31.65 10.07
CA GLU D 169 20.56 -32.75 9.12
C GLU D 169 19.30 -33.46 8.61
N GLN D 170 18.24 -33.51 9.42
CA GLN D 170 17.03 -34.21 9.01
C GLN D 170 15.79 -33.34 8.77
N ARG D 171 16.01 -32.13 8.24
CA ARG D 171 14.90 -31.22 7.96
C ARG D 171 14.44 -31.33 6.50
N GLY D 172 13.18 -31.01 6.25
CA GLY D 172 12.67 -31.06 4.90
C GLY D 172 13.31 -29.92 4.14
N THR D 173 13.05 -29.81 2.84
CA THR D 173 13.66 -28.75 2.05
C THR D 173 12.66 -27.88 1.29
N SER D 174 11.43 -27.82 1.77
CA SER D 174 10.42 -27.02 1.10
C SER D 174 9.31 -26.54 2.03
N TYR D 175 9.66 -26.25 3.28
CA TYR D 175 8.67 -25.77 4.26
C TYR D 175 8.03 -24.50 3.71
N SER D 176 6.72 -24.53 3.55
CA SER D 176 6.00 -23.40 3.01
C SER D 176 4.70 -23.15 3.78
N ILE D 177 4.44 -21.89 4.11
CA ILE D 177 3.22 -21.52 4.81
C ILE D 177 2.44 -20.52 3.97
N VAL D 178 1.15 -20.78 3.78
CA VAL D 178 0.30 -19.91 2.99
C VAL D 178 -0.99 -19.54 3.70
N ASN D 179 -1.16 -18.26 3.99
CA ASN D 179 -2.36 -17.78 4.66
C ASN D 179 -3.32 -17.27 3.61
N MET D 180 -4.59 -17.66 3.72
CA MET D 180 -5.60 -17.23 2.78
C MET D 180 -6.20 -15.92 3.26
N VAL D 181 -5.80 -14.83 2.61
CA VAL D 181 -6.29 -13.51 2.98
C VAL D 181 -7.45 -13.07 2.10
N ASP D 182 -7.55 -11.77 1.87
CA ASP D 182 -8.64 -11.23 1.06
C ASP D 182 -8.06 -10.02 0.31
N ALA D 183 -8.38 -9.94 -0.98
CA ALA D 183 -7.89 -8.87 -1.83
C ALA D 183 -8.73 -7.59 -1.82
N MET D 184 -9.82 -7.59 -1.06
CA MET D 184 -10.67 -6.41 -1.02
C MET D 184 -10.69 -5.69 0.31
N THR D 185 -9.89 -6.13 1.28
CA THR D 185 -9.88 -5.50 2.60
C THR D 185 -9.57 -4.00 2.57
N SER D 186 -8.87 -3.55 1.51
CA SER D 186 -8.53 -2.13 1.36
C SER D 186 -9.81 -1.30 1.24
N GLN D 187 -10.75 -1.82 0.46
CA GLN D 187 -12.05 -1.19 0.28
C GLN D 187 -12.94 -2.13 1.09
N PRO D 188 -12.96 -1.96 2.43
CA PRO D 188 -13.73 -2.77 3.38
C PRO D 188 -15.17 -3.06 3.00
N LEU D 189 -15.60 -4.31 3.20
CA LEU D 189 -16.96 -4.72 2.91
C LEU D 189 -17.81 -4.15 4.04
N LEU D 190 -18.76 -3.29 3.70
CA LEU D 190 -19.65 -2.65 4.66
C LEU D 190 -20.26 -3.60 5.69
N GLY D 191 -20.11 -3.24 6.96
CA GLY D 191 -20.66 -4.04 8.04
C GLY D 191 -19.82 -5.22 8.49
N TYR D 192 -18.76 -5.53 7.75
CA TYR D 192 -17.90 -6.66 8.10
C TYR D 192 -16.63 -6.28 8.82
N THR D 193 -16.72 -5.26 9.67
CA THR D 193 -15.56 -4.76 10.40
C THR D 193 -14.61 -5.79 11.00
N MET D 194 -15.10 -6.65 11.90
CA MET D 194 -14.24 -7.66 12.52
C MET D 194 -13.52 -8.52 11.49
N TYR D 195 -14.29 -9.09 10.56
CA TYR D 195 -13.72 -9.92 9.51
C TYR D 195 -12.52 -9.20 8.87
N THR D 196 -12.75 -7.98 8.41
CA THR D 196 -11.73 -7.15 7.79
C THR D 196 -10.51 -6.99 8.69
N MET D 197 -10.73 -6.71 9.96
CA MET D 197 -9.62 -6.55 10.89
C MET D 197 -8.85 -7.86 11.02
N ALA D 198 -9.59 -8.95 11.15
CA ALA D 198 -8.99 -10.28 11.30
C ALA D 198 -8.09 -10.55 10.09
N LYS D 199 -8.63 -10.26 8.91
CA LYS D 199 -7.91 -10.46 7.67
C LYS D 199 -6.63 -9.64 7.60
N GLU D 200 -6.73 -8.33 7.86
CA GLU D 200 -5.54 -7.50 7.81
C GLU D 200 -4.57 -7.87 8.93
N ALA D 201 -5.12 -8.47 9.99
CA ALA D 201 -4.30 -8.91 11.10
C ALA D 201 -3.48 -10.07 10.56
N LEU D 202 -4.12 -10.85 9.69
CA LEU D 202 -3.49 -12.01 9.08
C LEU D 202 -2.35 -11.62 8.14
N GLU D 203 -2.58 -10.61 7.31
CA GLU D 203 -1.54 -10.14 6.40
C GLU D 203 -0.30 -9.81 7.22
N GLY D 204 -0.50 -9.08 8.31
CA GLY D 204 0.62 -8.73 9.16
C GLY D 204 1.30 -10.02 9.62
N LEU D 205 0.51 -11.02 9.94
CA LEU D 205 1.05 -12.28 10.40
C LEU D 205 1.95 -12.83 9.32
N THR D 206 1.49 -12.76 8.08
CA THR D 206 2.29 -13.24 6.97
C THR D 206 3.65 -12.53 6.96
N ARG D 207 3.62 -11.22 6.81
CA ARG D 207 4.84 -10.43 6.78
C ARG D 207 5.76 -10.72 7.96
N SER D 208 5.20 -10.67 9.17
CA SER D 208 5.98 -10.88 10.39
C SER D 208 6.54 -12.29 10.45
N ALA D 209 5.72 -13.28 10.11
CA ALA D 209 6.16 -14.67 10.14
C ALA D 209 7.31 -14.88 9.17
N ALA D 210 7.15 -14.35 7.97
CA ALA D 210 8.16 -14.46 6.92
C ALA D 210 9.52 -13.96 7.39
N LEU D 211 9.56 -12.74 7.90
CA LEU D 211 10.82 -12.16 8.36
C LEU D 211 11.50 -13.00 9.43
N GLU D 212 10.77 -13.30 10.49
CA GLU D 212 11.30 -14.07 11.61
C GLU D 212 11.64 -15.52 11.27
N LEU D 213 10.68 -16.25 10.70
CA LEU D 213 10.90 -17.65 10.35
C LEU D 213 11.82 -17.83 9.13
N ALA D 214 12.25 -16.73 8.53
CA ALA D 214 13.12 -16.78 7.37
C ALA D 214 14.37 -17.62 7.67
N SER D 215 14.96 -17.41 8.85
CA SER D 215 16.15 -18.14 9.26
C SER D 215 16.01 -19.66 9.14
N LEU D 216 14.91 -20.21 9.65
CA LEU D 216 14.69 -21.66 9.55
C LEU D 216 14.33 -22.03 8.12
N GLN D 217 14.43 -21.06 7.23
CA GLN D 217 14.10 -21.27 5.82
C GLN D 217 12.67 -21.76 5.64
N ILE D 218 11.76 -21.04 6.29
CA ILE D 218 10.34 -21.32 6.19
C ILE D 218 9.72 -20.11 5.50
N ARG D 219 9.05 -20.36 4.39
CA ARG D 219 8.44 -19.27 3.66
C ARG D 219 7.00 -19.11 4.11
N VAL D 220 6.53 -17.86 4.10
CA VAL D 220 5.17 -17.54 4.51
C VAL D 220 4.62 -16.54 3.51
N ASN D 221 3.61 -16.95 2.76
CA ASN D 221 3.02 -16.07 1.76
C ASN D 221 1.50 -16.12 1.82
N GLY D 222 0.85 -15.14 1.21
CA GLY D 222 -0.59 -15.11 1.23
C GLY D 222 -1.18 -15.09 -0.16
N VAL D 223 -2.41 -15.56 -0.27
CA VAL D 223 -3.15 -15.60 -1.53
C VAL D 223 -4.45 -14.82 -1.30
N SER D 224 -4.58 -13.67 -1.96
CA SER D 224 -5.77 -12.82 -1.78
C SER D 224 -6.84 -12.99 -2.86
N PRO D 225 -7.81 -13.88 -2.63
CA PRO D 225 -8.88 -14.09 -3.62
C PRO D 225 -9.78 -12.86 -3.61
N GLY D 226 -10.40 -12.56 -4.74
CA GLY D 226 -11.33 -11.43 -4.82
C GLY D 226 -12.71 -12.05 -4.71
N LEU D 227 -13.29 -12.40 -5.86
CA LEU D 227 -14.59 -13.06 -5.85
C LEU D 227 -14.35 -14.48 -6.36
N SER D 228 -14.19 -15.43 -5.43
CA SER D 228 -13.96 -16.81 -5.82
C SER D 228 -15.31 -17.51 -5.78
N VAL D 229 -15.32 -18.82 -5.50
CA VAL D 229 -16.59 -19.53 -5.45
C VAL D 229 -17.51 -18.85 -4.45
N LEU D 230 -18.57 -18.24 -4.98
CA LEU D 230 -19.53 -17.55 -4.14
C LEU D 230 -20.14 -18.54 -3.14
N PRO D 231 -20.68 -18.03 -2.01
CA PRO D 231 -21.29 -18.88 -0.96
C PRO D 231 -22.35 -19.82 -1.51
N ASP D 232 -22.24 -21.11 -1.19
CA ASP D 232 -23.22 -22.09 -1.67
C ASP D 232 -24.61 -21.63 -1.30
N ASP D 233 -24.67 -20.55 -0.54
CA ASP D 233 -25.92 -19.99 -0.08
C ASP D 233 -26.54 -18.92 -1.00
N MET D 234 -25.86 -17.80 -1.22
CA MET D 234 -26.47 -16.74 -2.03
C MET D 234 -27.13 -17.22 -3.33
N PRO D 235 -28.32 -16.66 -3.63
CA PRO D 235 -29.12 -16.97 -4.82
C PRO D 235 -28.33 -16.91 -6.12
N PHE D 236 -29.05 -16.80 -7.23
CA PHE D 236 -28.41 -16.72 -8.54
C PHE D 236 -28.33 -15.27 -8.98
N SER D 237 -29.41 -14.52 -8.77
CA SER D 237 -29.44 -13.12 -9.16
C SER D 237 -28.36 -12.36 -8.40
N VAL D 238 -28.07 -12.84 -7.19
CA VAL D 238 -27.06 -12.23 -6.36
C VAL D 238 -25.70 -12.55 -6.94
N GLN D 239 -25.42 -13.84 -7.14
CA GLN D 239 -24.16 -14.25 -7.71
C GLN D 239 -23.96 -13.51 -9.02
N GLU D 240 -25.01 -13.41 -9.82
CA GLU D 240 -24.89 -12.70 -11.09
C GLU D 240 -24.43 -11.28 -10.85
N ASP D 241 -25.15 -10.55 -10.00
CA ASP D 241 -24.79 -9.18 -9.70
C ASP D 241 -23.34 -9.08 -9.26
N TYR D 242 -22.86 -10.06 -8.51
CA TYR D 242 -21.47 -10.03 -8.08
C TYR D 242 -20.49 -10.33 -9.20
N ARG D 243 -20.51 -11.56 -9.73
CA ARG D 243 -19.57 -11.91 -10.80
C ARG D 243 -19.54 -10.90 -11.96
N ARG D 244 -20.62 -10.15 -12.16
CA ARG D 244 -20.63 -9.19 -13.25
C ARG D 244 -19.89 -7.89 -12.95
N LYS D 245 -19.26 -7.82 -11.78
CA LYS D 245 -18.50 -6.62 -11.40
C LYS D 245 -17.01 -6.80 -11.61
N VAL D 246 -16.60 -8.05 -11.81
CA VAL D 246 -15.20 -8.40 -12.03
C VAL D 246 -14.78 -8.10 -13.47
N PRO D 247 -13.76 -7.23 -13.66
CA PRO D 247 -13.25 -6.85 -14.98
C PRO D 247 -12.80 -8.00 -15.89
N LEU D 248 -12.07 -8.97 -15.36
CA LEU D 248 -11.63 -10.10 -16.20
C LEU D 248 -12.68 -11.22 -16.25
N TYR D 249 -13.30 -11.39 -17.42
CA TYR D 249 -14.31 -12.42 -17.67
C TYR D 249 -15.70 -12.14 -17.10
N GLN D 250 -15.81 -11.18 -16.20
CA GLN D 250 -17.09 -10.86 -15.58
C GLN D 250 -17.66 -12.10 -14.90
N ARG D 251 -16.81 -12.73 -14.09
CA ARG D 251 -17.20 -13.93 -13.36
C ARG D 251 -16.23 -14.15 -12.20
N ASN D 252 -16.73 -14.75 -11.13
CA ASN D 252 -15.91 -15.05 -9.97
C ASN D 252 -14.91 -16.10 -10.37
N SER D 253 -13.95 -16.38 -9.52
CA SER D 253 -12.96 -17.40 -9.85
C SER D 253 -13.51 -18.77 -9.45
N SER D 254 -12.80 -19.80 -9.90
CA SER D 254 -13.16 -21.18 -9.61
C SER D 254 -12.23 -21.60 -8.50
N ALA D 255 -12.53 -22.70 -7.83
CA ALA D 255 -11.65 -23.15 -6.75
C ALA D 255 -10.26 -23.41 -7.33
N GLU D 256 -10.18 -23.75 -8.61
CA GLU D 256 -8.89 -24.04 -9.23
C GLU D 256 -8.03 -22.81 -9.46
N GLU D 257 -8.61 -21.80 -10.10
CA GLU D 257 -7.88 -20.57 -10.39
C GLU D 257 -7.20 -20.04 -9.11
N VAL D 258 -7.71 -20.46 -7.95
CA VAL D 258 -7.16 -20.04 -6.67
C VAL D 258 -6.11 -21.01 -6.11
N SER D 259 -6.45 -22.29 -6.03
CA SER D 259 -5.51 -23.28 -5.50
C SER D 259 -4.19 -23.39 -6.27
N ASP D 260 -4.23 -23.12 -7.57
CA ASP D 260 -3.01 -23.17 -8.38
C ASP D 260 -1.99 -22.20 -7.81
N VAL D 261 -2.49 -21.07 -7.32
CA VAL D 261 -1.62 -20.05 -6.74
C VAL D 261 -0.97 -20.65 -5.49
N VAL D 262 -1.70 -21.50 -4.79
CA VAL D 262 -1.19 -22.14 -3.59
C VAL D 262 -0.12 -23.18 -3.97
N ILE D 263 -0.45 -24.07 -4.90
CA ILE D 263 0.51 -25.09 -5.32
C ILE D 263 1.73 -24.42 -5.94
N PHE D 264 1.53 -23.28 -6.60
CA PHE D 264 2.67 -22.58 -7.18
C PHE D 264 3.55 -22.05 -6.08
N LEU D 265 2.93 -21.42 -5.08
CA LEU D 265 3.66 -20.86 -3.95
C LEU D 265 4.41 -21.94 -3.19
N CYS D 266 3.88 -23.15 -3.19
CA CYS D 266 4.49 -24.27 -2.48
C CYS D 266 5.54 -25.01 -3.32
N SER D 267 5.44 -24.92 -4.64
CA SER D 267 6.40 -25.58 -5.53
C SER D 267 7.74 -24.86 -5.42
N PRO D 268 8.81 -25.47 -5.95
CA PRO D 268 10.16 -24.89 -5.90
C PRO D 268 10.32 -23.69 -6.84
N LYS D 269 9.37 -23.55 -7.76
CA LYS D 269 9.37 -22.46 -8.71
C LYS D 269 9.14 -21.12 -8.02
N ALA D 270 9.06 -21.14 -6.69
CA ALA D 270 8.83 -19.93 -5.92
C ALA D 270 9.57 -19.99 -4.58
N LYS D 271 10.74 -20.62 -4.58
CA LYS D 271 11.47 -20.74 -3.34
C LYS D 271 12.07 -19.44 -2.81
N TYR D 272 12.14 -18.41 -3.65
CA TYR D 272 12.73 -17.14 -3.21
C TYR D 272 11.63 -16.16 -2.83
N ILE D 273 10.39 -16.64 -2.76
CA ILE D 273 9.27 -15.79 -2.43
C ILE D 273 8.78 -15.98 -1.00
N THR D 274 8.70 -14.89 -0.26
CA THR D 274 8.22 -14.93 1.10
C THR D 274 7.82 -13.53 1.52
N GLY D 275 6.88 -13.45 2.46
CA GLY D 275 6.41 -12.16 2.91
C GLY D 275 5.66 -11.40 1.84
N THR D 276 5.03 -12.11 0.91
CA THR D 276 4.30 -11.48 -0.17
C THR D 276 2.89 -12.05 -0.38
N CYS D 277 1.99 -11.23 -0.94
CA CYS D 277 0.60 -11.63 -1.21
C CYS D 277 0.26 -11.59 -2.69
N ILE D 278 -0.31 -12.67 -3.20
CA ILE D 278 -0.67 -12.76 -4.61
C ILE D 278 -2.18 -12.61 -4.84
N LYS D 279 -2.58 -11.52 -5.48
CA LYS D 279 -3.99 -11.29 -5.78
C LYS D 279 -4.45 -12.19 -6.92
N VAL D 280 -5.66 -12.71 -6.78
CA VAL D 280 -6.28 -13.58 -7.77
C VAL D 280 -7.70 -13.02 -7.83
N ASP D 281 -7.83 -11.78 -8.28
CA ASP D 281 -9.14 -11.14 -8.29
C ASP D 281 -9.74 -10.75 -9.64
N GLY D 282 -9.10 -11.17 -10.73
CA GLY D 282 -9.61 -10.83 -12.04
C GLY D 282 -9.71 -9.34 -12.24
N GLY D 283 -8.88 -8.61 -11.50
CA GLY D 283 -8.89 -7.16 -11.61
C GLY D 283 -9.99 -6.50 -10.79
N TYR D 284 -10.61 -7.25 -9.90
CA TYR D 284 -11.70 -6.70 -9.10
C TYR D 284 -11.28 -5.54 -8.19
N SER D 285 -10.09 -5.62 -7.61
CA SER D 285 -9.64 -4.55 -6.72
C SER D 285 -9.24 -3.24 -7.41
N LEU D 286 -9.36 -3.19 -8.73
CA LEU D 286 -9.02 -1.97 -9.45
C LEU D 286 -10.28 -1.15 -9.73
N THR D 287 -11.44 -1.74 -9.44
CA THR D 287 -12.72 -1.07 -9.67
C THR D 287 -13.04 -0.09 -8.56
N ARG D 288 -13.77 0.95 -8.91
CA ARG D 288 -14.15 1.95 -7.92
C ARG D 288 -15.66 2.11 -7.99
N ALA D 289 -16.26 2.66 -6.94
CA ALA D 289 -17.70 2.86 -6.93
C ALA D 289 -18.11 3.91 -7.95
#